data_5SXB
#
_entry.id   5SXB
#
_cell.length_a   114.463
_cell.length_b   116.765
_cell.length_c   150.101
_cell.angle_alpha   90.000
_cell.angle_beta   90.000
_cell.angle_gamma   90.000
#
_symmetry.space_group_name_H-M   'P 21 21 21'
#
loop_
_entity.id
_entity.type
_entity.pdbx_description
1 polymer 'Phosphatidylinositol 4,5-bisphosphate 3-kinase catalytic subunit alpha isoform'
2 polymer 'Phosphatidylinositol 3-kinase regulatory subunit alpha'
3 non-polymer 'ISATOIC ANHYDRIDE'
#
loop_
_entity_poly.entity_id
_entity_poly.type
_entity_poly.pdbx_seq_one_letter_code
_entity_poly.pdbx_strand_id
1 'polypeptide(L)'
;MSYYHHHHHHDYDIPTTENLYFQGAMGSMPPRPS(SEP)GELWGIHLMPPRILVECLLPNGMIVTLECLREATLITIKHE
LFKEARKYPLHQLLQDESSYIFVSVTQEAEREEFFDETRRLCDLRLFQPFLKVIEPVGNREEKILNREIGFAIGMPVCEF
DMVKDPEVQDFRRNILNVCKEAVDLRDLNSPHSRAMYVYPPNVESSPELPKHIYNKLDKGQIIVVIWVIVSPNNDKQKYT
LKINHDCVPEQVIAEAIRKKTRSMLLSSEQLKLCVLEYQGKYILKVCGCDEYFLEKYPLSQYKYIRSCIMLGRMPNLMLM
AKESLYSQLPMDCFTMPSYSRRISTATPYMNGETSTKSLWVINSALRIKILCATYVNVNIRDIDKIYVRTGIYHGGEPLC
DNVNTQRVPCSNPRWNEWLNYDIYIPDLPRAARLCLSICSVKGRKGAKEEHCPLAWGNINLFDYTDTLVSGKMALNLWPV
PHGLEDLLNPIGVTGSNPNKETPCLELEFDWFSSVVKFPDMSVIEEHANWSVSREAGFSYSHAGLSNRLARDNELRENDK
EQLKAISTRDPLSEITEQEKDFLWSHRHYCVTIPEILPKLLLSVKWNSRDEVAQMYCLVKDWPPIKPEQAMELLDCNYPD
PMVRGFAVRCLEKYLTDDKLSQYLIQLVQVLKYEQYLDNLLVRFLLKKALTNQRIGHFFFWHLKSEMHNKTVSQRFGLLL
ESYCRACGMYLKHLNRQVEAMEKLINLTDILKQEKKDETQKVQMKFLVEQMRRPDFMDALQGFLSPLNPAHQLGNLRLEE
CRIMSSAKRPLWLNWENPDIM(SEP)ELLFQNNEIIFKNGDDLRQDMLTLQIIRIMENIWQNQGLDLRMLPYGCLSIGDC
VGLIEVVRNSHTIMQIQCKGGLKGALQFNSHTLHQWLKDKNKGEIYDAAIDLFTRSCAGYCVATFILGIGDRHNSNIMVK
DDGQLFHIDFGHFLDHKKKKFGYKRERVPFVLTQDFLIVISKGAQECTKTREFERFQEMCYKAYLAIRQHANLFINLFSM
MLGSGMPELQSFDDIAYIRKTLALDKTEQEALEYFMKQMNDAHHGGWTTKMDWIFHTIKQHALN
;
A
2 'polypeptide(L)'
;MNNNMSLQDAEWYWGDISREEVNEKLRDTADGTFLVRDASTKMHGDYTLTLRKGGNNKLIKIFHRDGKYGFSDPLTFSSV
VELINHYRNESLAQYNPKLDVKLLYPVSKYQQDQVVKEDNIEAVGKKLHEYNTQFQEKSREYDRLYEEYTRTSQEIQMKR
TAIEAFNETIKIFEEQCQTQERYSKEYIEKFKREGNEKEIQRIMHNYDKLKSRISEIIDSRRRLEEDLKKQAAEYREIDK
RMNSIKPDLIQLRKTRDQYLMWLTQKGVRQKKLNEWLGN
;
B
#
# COMPACT_ATOMS: atom_id res chain seq x y z
N SER A 2 -3.30 -14.78 51.33
CA SER A 2 -4.31 -15.84 51.01
C SER A 2 -4.69 -15.75 49.57
N TYR A 3 -4.88 -14.51 49.09
CA TYR A 3 -5.06 -14.20 47.67
C TYR A 3 -3.90 -14.65 46.80
N TYR A 4 -2.68 -14.27 47.20
CA TYR A 4 -1.45 -14.50 46.41
C TYR A 4 -0.39 -15.40 47.10
N HIS A 5 -0.80 -16.18 48.10
CA HIS A 5 0.14 -16.85 49.02
C HIS A 5 1.23 -15.91 49.62
N HIS A 6 0.86 -14.67 49.85
CA HIS A 6 1.78 -13.65 50.31
C HIS A 6 3.08 -13.62 49.52
N HIS A 7 3.00 -13.87 48.21
CA HIS A 7 4.17 -13.82 47.33
C HIS A 7 4.39 -12.39 46.91
N HIS A 8 5.53 -11.84 47.28
CA HIS A 8 5.90 -10.50 46.90
C HIS A 8 6.47 -10.52 45.48
N HIS A 9 6.07 -9.57 44.65
CA HIS A 9 6.78 -9.28 43.40
C HIS A 9 7.65 -8.07 43.71
N HIS A 10 8.96 -8.31 43.85
CA HIS A 10 9.92 -7.31 44.36
C HIS A 10 10.32 -6.28 43.29
N ASP A 11 10.43 -6.77 42.05
CA ASP A 11 10.74 -5.96 40.88
C ASP A 11 9.74 -4.84 40.63
N TYR A 12 8.45 -5.15 40.82
CA TYR A 12 7.34 -4.24 40.44
C TYR A 12 7.50 -2.84 41.03
N ASP A 13 7.90 -1.92 40.16
CA ASP A 13 8.01 -0.50 40.48
C ASP A 13 6.69 0.14 40.04
N ILE A 14 6.03 0.80 40.98
CA ILE A 14 4.64 1.26 40.78
C ILE A 14 4.58 2.43 39.79
N PRO A 15 5.56 3.37 39.88
CA PRO A 15 5.73 4.32 38.76
C PRO A 15 6.58 3.72 37.62
N THR A 16 5.94 3.42 36.50
CA THR A 16 6.61 3.06 35.23
C THR A 16 7.40 1.75 35.34
N TYR A 21 6.15 1.99 31.82
CA TYR A 21 4.70 1.93 31.99
C TYR A 21 4.00 1.16 30.87
N PHE A 22 4.76 0.79 29.82
CA PHE A 22 4.35 -0.20 28.80
C PHE A 22 3.22 0.24 27.83
N GLN A 23 2.94 1.55 27.76
CA GLN A 23 1.84 2.12 26.95
C GLN A 23 0.44 1.51 27.17
N GLY A 24 0.22 0.97 28.36
CA GLY A 24 -1.07 0.42 28.76
C GLY A 24 -1.89 1.45 29.53
N ALA A 25 -1.26 2.13 30.47
CA ALA A 25 -1.94 2.95 31.50
C ALA A 25 -2.54 4.27 30.98
N SER A 28 -2.37 5.10 24.73
CA SER A 28 -2.98 4.16 23.79
C SER A 28 -2.96 4.73 22.34
N MET A 29 -1.75 5.08 21.88
CA MET A 29 -1.47 5.68 20.54
C MET A 29 -0.10 5.17 19.97
N PRO A 30 -0.03 4.73 18.69
CA PRO A 30 1.16 3.98 18.22
C PRO A 30 2.42 4.78 17.67
N PRO A 31 2.80 4.69 16.34
CA PRO A 31 4.19 5.17 16.05
C PRO A 31 4.36 6.67 15.75
N ARG A 32 5.36 7.30 16.39
CA ARG A 32 5.68 8.74 16.20
C ARG A 32 7.24 8.88 16.25
N PRO A 33 7.84 10.09 16.20
CA PRO A 33 7.29 11.37 15.74
C PRO A 33 8.11 11.98 14.58
N SER A 34 7.49 12.87 13.80
CA SER A 34 8.17 13.63 12.74
C SER A 34 7.96 15.11 13.01
N GLY A 36 8.13 19.38 13.07
CA GLY A 36 7.28 20.34 12.42
C GLY A 36 7.99 21.59 11.95
N GLU A 37 7.55 22.72 12.48
CA GLU A 37 7.85 24.03 11.89
C GLU A 37 9.29 24.54 12.03
N LEU A 38 10.01 24.05 13.04
CA LEU A 38 11.41 24.35 13.28
C LEU A 38 12.01 23.08 13.87
N TRP A 39 13.34 22.98 13.91
CA TRP A 39 13.99 21.72 14.34
C TRP A 39 13.70 21.43 15.81
N GLY A 40 13.15 20.24 16.03
CA GLY A 40 12.86 19.76 17.36
C GLY A 40 11.80 20.52 18.13
N ILE A 41 10.96 21.29 17.44
CA ILE A 41 9.83 21.96 18.05
C ILE A 41 8.64 21.87 17.07
N HIS A 42 7.49 21.37 17.56
CA HIS A 42 6.31 21.11 16.71
C HIS A 42 5.69 22.37 16.10
N LEU A 43 5.69 23.45 16.87
CA LEU A 43 4.88 24.61 16.54
C LEU A 43 5.65 25.84 16.97
N MET A 44 6.05 26.68 16.02
CA MET A 44 6.94 27.76 16.40
C MET A 44 6.21 28.83 17.22
N PRO A 45 6.90 29.39 18.23
CA PRO A 45 6.40 30.50 19.05
C PRO A 45 5.87 31.67 18.23
N PRO A 46 4.70 32.23 18.61
CA PRO A 46 4.01 33.24 17.79
C PRO A 46 4.86 34.43 17.35
N ARG A 47 5.82 34.82 18.19
CA ARG A 47 6.78 35.89 17.89
C ARG A 47 8.14 35.25 18.00
N ILE A 48 8.98 35.42 16.99
CA ILE A 48 10.22 34.63 16.84
C ILE A 48 11.36 35.53 16.31
N LEU A 49 12.57 35.20 16.73
CA LEU A 49 13.73 35.97 16.37
C LEU A 49 14.51 35.31 15.24
N VAL A 50 14.72 36.05 14.16
CA VAL A 50 15.33 35.50 12.95
C VAL A 50 16.56 36.28 12.49
N GLU A 51 17.67 35.56 12.37
CA GLU A 51 18.94 36.13 11.91
C GLU A 51 18.91 36.33 10.39
N CYS A 52 18.92 37.59 9.96
CA CYS A 52 18.91 37.91 8.54
C CYS A 52 20.30 38.26 8.00
N LEU A 53 20.97 37.26 7.40
CA LEU A 53 22.31 37.43 6.83
C LEU A 53 22.27 38.20 5.48
N LEU A 54 22.86 39.39 5.43
CA LEU A 54 22.89 40.27 4.24
C LEU A 54 24.14 40.08 3.33
N PRO A 55 24.11 40.59 2.06
CA PRO A 55 25.26 40.43 1.13
C PRO A 55 26.54 41.09 1.61
N ASN A 56 26.37 42.14 2.44
CA ASN A 56 27.46 42.85 3.12
C ASN A 56 28.03 42.18 4.41
N GLY A 57 27.63 40.95 4.72
CA GLY A 57 28.14 40.22 5.90
C GLY A 57 27.59 40.64 7.28
N MET A 58 26.61 41.53 7.29
CA MET A 58 25.95 42.01 8.52
C MET A 58 24.87 41.01 8.96
N ILE A 59 24.71 40.85 10.28
CA ILE A 59 23.60 40.06 10.87
C ILE A 59 22.68 40.97 11.65
N VAL A 60 21.63 41.45 11.00
CA VAL A 60 20.53 42.11 11.71
C VAL A 60 19.56 41.01 12.14
N THR A 61 19.22 40.95 13.43
CA THR A 61 18.29 39.94 13.96
C THR A 61 16.90 40.56 14.06
N LEU A 62 16.00 40.19 13.16
CA LEU A 62 14.62 40.68 13.21
C LEU A 62 13.81 39.91 14.25
N GLU A 63 12.80 40.58 14.81
CA GLU A 63 11.71 39.92 15.51
C GLU A 63 10.50 40.07 14.62
N CYS A 64 9.77 38.99 14.43
CA CYS A 64 8.63 38.99 13.53
C CYS A 64 7.80 37.78 13.83
N LEU A 65 6.54 37.81 13.41
CA LEU A 65 5.60 36.82 13.85
C LEU A 65 5.73 35.52 13.03
N ARG A 66 5.62 34.41 13.73
CA ARG A 66 5.43 33.05 13.16
C ARG A 66 4.76 32.97 11.78
N GLU A 67 3.74 33.79 11.56
CA GLU A 67 2.89 33.72 10.35
C GLU A 67 3.21 34.82 9.32
N ALA A 68 4.39 35.43 9.41
CA ALA A 68 4.73 36.54 8.54
C ALA A 68 5.24 36.02 7.20
N THR A 69 4.80 36.69 6.13
CA THR A 69 5.29 36.38 4.79
C THR A 69 6.70 36.90 4.61
N LEU A 70 7.36 36.45 3.57
CA LEU A 70 8.72 36.93 3.26
C LEU A 70 8.67 38.33 2.61
N ILE A 71 7.61 38.64 1.86
CA ILE A 71 7.32 40.02 1.40
C ILE A 71 7.35 40.98 2.57
N THR A 72 6.78 40.54 3.69
CA THR A 72 6.75 41.31 4.92
C THR A 72 8.10 41.35 5.63
N ILE A 73 8.81 40.23 5.69
CA ILE A 73 10.12 40.17 6.34
C ILE A 73 11.20 40.91 5.54
N LYS A 74 11.20 40.73 4.22
CA LYS A 74 12.12 41.46 3.35
C LYS A 74 11.85 42.96 3.51
N HIS A 75 10.61 43.37 3.21
CA HIS A 75 10.21 44.81 3.22
C HIS A 75 10.59 45.55 4.50
N GLU A 76 10.51 44.86 5.64
CA GLU A 76 10.94 45.44 6.91
C GLU A 76 12.47 45.35 7.07
N LEU A 77 13.08 44.24 6.64
CA LEU A 77 14.55 44.05 6.74
C LEU A 77 15.37 45.12 6.00
N PHE A 78 14.86 45.59 4.86
CA PHE A 78 15.52 46.67 4.11
C PHE A 78 15.12 48.07 4.60
N LYS A 79 14.19 48.12 5.55
CA LYS A 79 13.99 49.30 6.38
C LYS A 79 14.92 49.23 7.61
N GLU A 80 14.97 48.10 8.32
CA GLU A 80 15.83 47.98 9.51
C GLU A 80 17.32 47.76 9.22
N ALA A 81 17.70 47.47 7.97
CA ALA A 81 19.13 47.32 7.62
C ALA A 81 19.84 48.66 7.46
N ARG A 82 19.12 49.66 6.93
CA ARG A 82 19.58 51.08 6.90
C ARG A 82 20.28 51.53 8.19
N LYS A 83 19.70 51.20 9.34
CA LYS A 83 20.19 51.61 10.66
C LYS A 83 21.49 50.91 11.09
N TYR A 84 21.81 49.80 10.44
CA TYR A 84 23.09 49.09 10.60
C TYR A 84 24.16 49.70 9.65
N PRO A 85 25.44 49.26 9.77
CA PRO A 85 26.45 49.83 8.87
C PRO A 85 26.45 49.23 7.46
N LEU A 86 27.16 49.91 6.55
CA LEU A 86 27.36 49.46 5.17
C LEU A 86 26.08 49.38 4.32
N HIS A 87 25.07 50.20 4.65
CA HIS A 87 23.80 50.26 3.89
C HIS A 87 24.03 50.42 2.37
N GLN A 88 25.00 51.23 1.97
CA GLN A 88 25.20 51.51 0.55
C GLN A 88 25.95 50.40 -0.25
N LEU A 89 26.21 49.24 0.38
CA LEU A 89 26.62 47.99 -0.34
C LEU A 89 25.46 46.97 -0.51
N LEU A 90 24.23 47.47 -0.55
CA LEU A 90 23.03 46.65 -0.77
C LEU A 90 22.28 47.26 -1.92
N GLN A 91 21.84 46.42 -2.85
CA GLN A 91 20.97 46.86 -3.95
C GLN A 91 19.55 47.11 -3.41
N ASP A 92 18.65 47.56 -4.29
CA ASP A 92 17.22 47.59 -4.01
C ASP A 92 16.79 46.18 -3.56
N GLU A 93 15.80 46.08 -2.69
CA GLU A 93 15.36 44.78 -2.15
C GLU A 93 14.91 43.82 -3.27
N SER A 94 14.18 44.35 -4.23
CA SER A 94 13.72 43.60 -5.40
C SER A 94 14.82 42.84 -6.17
N SER A 95 16.09 43.23 -6.01
CA SER A 95 17.25 42.46 -6.52
C SER A 95 17.68 41.27 -5.63
N TYR A 96 16.81 40.82 -4.72
CA TYR A 96 17.18 39.79 -3.76
C TYR A 96 16.11 38.72 -3.51
N ILE A 97 16.55 37.58 -2.99
CA ILE A 97 15.66 36.44 -2.67
C ILE A 97 16.19 35.79 -1.39
N PHE A 98 15.32 35.19 -0.59
CA PHE A 98 15.77 34.57 0.68
C PHE A 98 16.33 33.19 0.43
N VAL A 99 17.17 32.71 1.33
CA VAL A 99 17.62 31.30 1.29
C VAL A 99 17.99 30.86 2.70
N SER A 100 17.87 29.55 2.97
CA SER A 100 18.23 28.95 4.26
C SER A 100 18.31 27.45 4.16
N VAL A 101 18.73 26.81 5.24
CA VAL A 101 18.82 25.36 5.32
C VAL A 101 17.56 24.85 5.96
N THR A 102 16.92 23.89 5.30
CA THR A 102 15.68 23.23 5.77
C THR A 102 15.94 21.94 6.60
N GLN A 103 14.87 21.30 7.05
CA GLN A 103 14.98 20.11 7.89
C GLN A 103 15.38 18.87 7.08
N GLU A 104 15.13 18.90 5.78
CA GLU A 104 15.70 17.91 4.85
C GLU A 104 17.16 18.26 4.48
N ALA A 105 17.75 19.26 5.15
CA ALA A 105 19.18 19.58 5.14
C ALA A 105 19.70 20.17 3.83
N GLU A 106 18.84 20.83 3.05
CA GLU A 106 19.27 21.34 1.76
C GLU A 106 19.08 22.84 1.70
N ARG A 107 19.97 23.53 1.00
CA ARG A 107 19.85 24.96 0.81
C ARG A 107 18.72 25.29 -0.17
N GLU A 108 17.53 25.56 0.37
CA GLU A 108 16.37 25.88 -0.45
C GLU A 108 16.24 27.39 -0.64
N GLU A 109 16.25 27.86 -1.88
CA GLU A 109 16.00 29.28 -2.21
C GLU A 109 14.50 29.53 -2.11
N PHE A 110 14.09 30.72 -1.66
CA PHE A 110 12.67 31.01 -1.39
C PHE A 110 12.07 31.99 -2.40
N PHE A 111 11.67 31.43 -3.54
CA PHE A 111 11.15 32.18 -4.70
C PHE A 111 9.77 32.71 -4.43
N ASP A 112 8.93 31.90 -3.78
CA ASP A 112 7.55 32.30 -3.47
C ASP A 112 7.51 33.14 -2.19
N GLU A 113 7.55 34.46 -2.35
CA GLU A 113 7.71 35.38 -1.22
C GLU A 113 6.42 35.49 -0.40
N THR A 114 5.29 35.04 -0.96
CA THR A 114 4.01 34.94 -0.21
C THR A 114 4.01 33.85 0.87
N ARG A 115 4.94 32.90 0.78
CA ARG A 115 5.07 31.83 1.78
C ARG A 115 5.29 32.37 3.18
N ARG A 116 4.75 31.66 4.18
CA ARG A 116 4.86 32.09 5.57
C ARG A 116 6.01 31.39 6.30
N LEU A 117 6.64 32.14 7.21
CA LEU A 117 7.78 31.68 8.00
C LEU A 117 7.61 30.28 8.64
N CYS A 118 6.44 30.01 9.22
CA CYS A 118 6.13 28.65 9.74
C CYS A 118 6.06 27.53 8.67
N ASP A 119 5.65 27.92 7.46
CA ASP A 119 5.42 26.96 6.39
C ASP A 119 6.69 26.58 5.59
N LEU A 120 7.87 27.08 6.01
CA LEU A 120 9.15 26.85 5.30
C LEU A 120 9.98 25.64 5.75
N ARG A 121 9.62 25.04 6.88
CA ARG A 121 10.37 23.90 7.42
C ARG A 121 11.86 24.23 7.58
N LEU A 122 12.15 25.22 8.44
CA LEU A 122 13.42 25.95 8.43
C LEU A 122 14.62 25.39 9.21
N PHE A 123 14.44 24.39 10.07
CA PHE A 123 15.56 23.88 10.91
C PHE A 123 16.13 24.87 11.97
N GLN A 124 16.85 25.91 11.53
CA GLN A 124 17.28 27.00 12.42
C GLN A 124 16.62 28.27 11.91
N PRO A 125 16.22 29.17 12.82
CA PRO A 125 15.45 30.36 12.44
C PRO A 125 16.32 31.49 11.86
N PHE A 126 16.71 31.34 10.60
CA PHE A 126 17.53 32.34 9.88
C PHE A 126 17.33 32.33 8.35
N LEU A 127 17.72 33.45 7.73
CA LEU A 127 17.42 33.76 6.35
C LEU A 127 18.56 34.54 5.68
N LYS A 128 19.38 33.86 4.87
CA LYS A 128 20.40 34.56 4.08
C LYS A 128 19.82 35.25 2.85
N VAL A 129 20.35 36.44 2.55
CA VAL A 129 19.92 37.27 1.41
C VAL A 129 20.91 37.04 0.26
N ILE A 130 20.37 36.85 -0.94
CA ILE A 130 21.18 36.67 -2.16
C ILE A 130 20.47 37.25 -3.38
N GLU A 131 21.18 37.41 -4.49
CA GLU A 131 20.58 37.78 -5.79
C GLU A 131 20.29 36.47 -6.57
N PRO A 132 19.24 36.45 -7.44
CA PRO A 132 18.80 35.16 -8.01
C PRO A 132 19.79 34.51 -9.00
N VAL A 133 20.40 33.41 -8.56
CA VAL A 133 21.35 32.65 -9.37
C VAL A 133 20.64 31.60 -10.21
N GLY A 134 21.32 31.07 -11.21
CA GLY A 134 20.76 30.04 -12.08
C GLY A 134 19.55 30.52 -12.85
N ASN A 135 19.73 31.66 -13.53
CA ASN A 135 18.65 32.52 -14.13
C ASN A 135 17.28 31.89 -14.50
N ARG A 136 17.23 30.59 -14.84
CA ARG A 136 15.94 29.91 -14.99
C ARG A 136 15.29 29.71 -13.60
N GLU A 137 14.50 30.72 -13.20
CA GLU A 137 13.60 30.68 -12.04
C GLU A 137 12.62 29.54 -12.22
N GLU A 138 11.96 29.52 -13.38
CA GLU A 138 10.99 28.49 -13.80
C GLU A 138 11.46 27.10 -13.43
N LYS A 139 12.66 26.77 -13.85
CA LYS A 139 13.20 25.43 -13.66
C LYS A 139 13.42 25.13 -12.19
N ILE A 140 13.76 26.12 -11.37
CA ILE A 140 13.88 25.82 -9.93
C ILE A 140 12.48 25.87 -9.23
N LEU A 141 11.42 25.56 -9.99
CA LEU A 141 10.20 24.90 -9.46
C LEU A 141 10.20 23.36 -9.82
N ASN A 142 11.28 22.77 -9.29
CA ASN A 142 11.43 21.42 -8.76
C ASN A 142 11.20 21.45 -7.25
N ARG A 143 11.02 22.64 -6.68
CA ARG A 143 10.58 22.78 -5.30
C ARG A 143 9.22 22.10 -5.18
N GLU A 144 8.33 22.52 -6.07
CA GLU A 144 6.99 22.00 -6.12
C GLU A 144 7.03 20.48 -6.13
N ILE A 145 7.87 19.90 -6.99
CA ILE A 145 7.98 18.45 -7.12
C ILE A 145 8.46 17.78 -5.83
N GLY A 146 9.62 18.16 -5.35
CA GLY A 146 10.10 17.65 -4.07
C GLY A 146 9.25 17.96 -2.85
N PHE A 147 8.39 18.97 -2.92
CA PHE A 147 7.41 19.16 -1.82
C PHE A 147 6.31 18.10 -1.90
N ALA A 148 5.69 18.00 -3.06
CA ALA A 148 4.76 16.94 -3.36
C ALA A 148 5.35 15.58 -2.96
N ILE A 149 6.64 15.36 -3.25
CA ILE A 149 7.26 14.06 -3.02
C ILE A 149 7.68 13.87 -1.56
N GLY A 150 8.11 14.93 -0.92
CA GLY A 150 8.68 14.81 0.42
C GLY A 150 10.12 14.35 0.43
N MET A 151 10.86 14.78 -0.59
CA MET A 151 12.32 14.76 -0.59
C MET A 151 12.75 15.60 -1.78
N PRO A 152 13.91 16.29 -1.67
CA PRO A 152 14.26 17.23 -2.72
C PRO A 152 14.70 16.49 -3.97
N VAL A 153 14.46 17.08 -5.13
CA VAL A 153 14.82 16.41 -6.38
C VAL A 153 16.35 16.29 -6.44
N CYS A 154 17.06 17.33 -5.99
CA CYS A 154 18.55 17.34 -5.99
C CYS A 154 19.21 16.15 -5.29
N GLU A 155 18.54 15.59 -4.28
CA GLU A 155 18.93 14.32 -3.69
C GLU A 155 19.08 13.18 -4.71
N PHE A 156 18.31 13.21 -5.80
CA PHE A 156 18.44 12.23 -6.91
C PHE A 156 19.59 12.57 -7.85
N ASP A 157 19.76 13.86 -8.15
CA ASP A 157 20.82 14.32 -9.04
C ASP A 157 22.19 13.91 -8.55
N MET A 158 22.34 13.71 -7.24
CA MET A 158 23.58 13.24 -6.65
C MET A 158 23.62 11.72 -6.44
N VAL A 159 22.81 10.94 -7.14
CA VAL A 159 22.89 9.48 -6.95
C VAL A 159 23.87 8.93 -7.98
N LYS A 160 24.77 8.07 -7.50
CA LYS A 160 25.85 7.50 -8.31
C LYS A 160 25.32 6.45 -9.28
N ASP A 161 24.67 5.42 -8.72
CA ASP A 161 24.00 4.32 -9.45
C ASP A 161 23.56 4.69 -10.87
N PRO A 162 24.02 3.95 -11.91
CA PRO A 162 23.61 4.30 -13.27
C PRO A 162 22.16 3.97 -13.59
N GLU A 163 21.63 2.92 -12.93
CA GLU A 163 20.26 2.48 -13.17
C GLU A 163 19.25 3.58 -12.87
N VAL A 164 19.46 4.24 -11.73
CA VAL A 164 18.65 5.37 -11.25
C VAL A 164 18.65 6.45 -12.31
N GLN A 165 19.84 6.87 -12.71
CA GLN A 165 19.97 7.99 -13.63
C GLN A 165 19.49 7.60 -15.01
N ASP A 166 19.63 6.31 -15.32
CA ASP A 166 19.08 5.75 -16.55
C ASP A 166 17.56 5.76 -16.49
N PHE A 167 16.98 5.29 -15.38
CA PHE A 167 15.53 5.41 -15.18
C PHE A 167 14.99 6.81 -15.42
N ARG A 168 15.59 7.81 -14.75
CA ARG A 168 15.10 9.18 -14.83
C ARG A 168 15.12 9.72 -16.26
N ARG A 169 16.15 9.38 -17.03
CA ARG A 169 16.24 9.82 -18.44
C ARG A 169 15.29 9.03 -19.32
N ASN A 170 15.31 7.71 -19.20
CA ASN A 170 14.50 6.83 -20.07
C ASN A 170 13.00 6.83 -19.82
N ILE A 171 12.59 7.10 -18.58
CA ILE A 171 11.18 7.09 -18.26
C ILE A 171 10.48 8.26 -18.98
N LEU A 172 11.18 9.36 -19.26
CA LEU A 172 10.57 10.49 -19.95
C LEU A 172 9.95 10.11 -21.30
N ASN A 173 10.54 9.13 -21.99
CA ASN A 173 9.89 8.51 -23.17
C ASN A 173 8.37 8.42 -22.95
N VAL A 174 7.98 7.76 -21.87
CA VAL A 174 6.55 7.58 -21.50
C VAL A 174 5.79 8.88 -21.26
N CYS A 175 6.35 9.74 -20.43
CA CYS A 175 5.73 11.01 -20.08
C CYS A 175 5.41 11.84 -21.31
N LYS A 176 6.37 11.87 -22.23
CA LYS A 176 6.27 12.65 -23.45
C LYS A 176 5.14 12.10 -24.29
N GLU A 177 5.09 10.78 -24.42
CA GLU A 177 3.96 10.13 -25.13
C GLU A 177 2.58 10.43 -24.53
N ALA A 178 2.52 10.47 -23.20
CA ALA A 178 1.28 10.69 -22.49
C ALA A 178 0.80 12.11 -22.69
N VAL A 179 1.70 13.08 -22.53
CA VAL A 179 1.33 14.49 -22.70
C VAL A 179 0.85 14.72 -24.14
N ASP A 180 1.35 13.92 -25.09
CA ASP A 180 0.88 13.96 -26.46
C ASP A 180 -0.60 13.63 -26.50
N LEU A 181 -0.97 12.41 -26.12
CA LEU A 181 -2.39 12.03 -26.04
C LEU A 181 -3.35 13.08 -25.43
N ARG A 182 -2.92 13.76 -24.38
CA ARG A 182 -3.73 14.82 -23.74
C ARG A 182 -4.13 15.99 -24.65
N ASP A 183 -3.19 16.50 -25.46
CA ASP A 183 -3.48 17.70 -26.29
C ASP A 183 -3.70 17.30 -27.74
N LEU A 184 -4.32 16.13 -27.93
CA LEU A 184 -4.52 15.53 -29.25
C LEU A 184 -5.67 16.24 -29.98
N ASN A 185 -6.86 16.25 -29.35
CA ASN A 185 -8.02 16.98 -29.84
C ASN A 185 -8.49 18.00 -28.82
N SER A 186 -7.54 18.78 -28.30
CA SER A 186 -7.80 19.80 -27.26
C SER A 186 -8.78 20.89 -27.76
N PRO A 187 -9.55 21.57 -26.89
CA PRO A 187 -9.49 21.45 -25.42
C PRO A 187 -10.26 20.28 -24.84
N HIS A 188 -10.95 19.51 -25.69
CA HIS A 188 -11.75 18.41 -25.20
C HIS A 188 -10.90 17.39 -24.44
N SER A 189 -9.88 16.90 -25.10
CA SER A 189 -9.04 15.83 -24.57
C SER A 189 -8.44 16.22 -23.22
N ARG A 190 -8.15 17.51 -23.04
CA ARG A 190 -7.71 18.02 -21.75
C ARG A 190 -8.79 17.81 -20.70
N ALA A 191 -10.01 18.22 -20.99
CA ALA A 191 -11.12 18.04 -20.07
C ALA A 191 -11.34 16.58 -19.76
N MET A 192 -11.29 15.79 -20.80
CA MET A 192 -11.31 14.36 -20.71
C MET A 192 -10.20 13.75 -19.78
N TYR A 193 -9.02 14.39 -19.75
CA TYR A 193 -7.92 13.98 -18.84
C TYR A 193 -8.27 14.42 -17.41
N VAL A 194 -8.52 15.71 -17.23
CA VAL A 194 -8.85 16.27 -15.94
C VAL A 194 -10.13 15.67 -15.32
N TYR A 195 -11.13 15.39 -16.16
CA TYR A 195 -12.47 15.03 -15.70
C TYR A 195 -12.93 13.74 -16.37
N PRO A 196 -12.13 12.68 -16.24
CA PRO A 196 -12.51 11.42 -16.90
C PRO A 196 -13.90 10.96 -16.48
N PRO A 197 -14.66 10.36 -17.40
CA PRO A 197 -16.02 9.96 -17.08
C PRO A 197 -16.11 8.82 -16.07
N ASN A 198 -16.83 9.05 -14.97
CA ASN A 198 -16.97 8.09 -13.87
C ASN A 198 -18.08 7.09 -14.14
N VAL A 199 -17.67 5.95 -14.66
CA VAL A 199 -18.51 5.10 -15.48
C VAL A 199 -18.27 3.62 -15.13
N GLU A 200 -19.34 2.84 -14.89
CA GLU A 200 -19.23 1.37 -14.71
C GLU A 200 -18.67 0.76 -16.00
N SER A 201 -17.97 -0.36 -15.92
CA SER A 201 -17.34 -0.94 -17.14
C SER A 201 -18.35 -1.67 -18.04
N SER A 202 -19.53 -2.02 -17.49
CA SER A 202 -20.60 -2.72 -18.22
C SER A 202 -21.80 -1.82 -18.55
N PRO A 203 -22.14 -1.65 -19.85
CA PRO A 203 -23.32 -0.85 -20.22
C PRO A 203 -24.62 -1.57 -19.90
N GLU A 204 -24.60 -2.89 -19.78
CA GLU A 204 -25.77 -3.64 -19.30
C GLU A 204 -26.22 -3.15 -17.92
N LEU A 205 -27.46 -3.52 -17.57
CA LEU A 205 -28.12 -3.10 -16.35
C LEU A 205 -28.62 -4.38 -15.65
N PRO A 206 -28.24 -4.63 -14.39
CA PRO A 206 -28.81 -5.76 -13.66
C PRO A 206 -30.33 -5.66 -13.59
N LYS A 207 -31.00 -6.80 -13.54
CA LYS A 207 -32.46 -6.80 -13.60
C LYS A 207 -33.10 -6.12 -12.40
N HIS A 208 -32.50 -6.23 -11.22
CA HIS A 208 -33.01 -5.53 -10.03
C HIS A 208 -32.97 -3.99 -10.10
N ILE A 209 -32.19 -3.44 -11.02
CA ILE A 209 -32.14 -2.01 -11.27
C ILE A 209 -33.14 -1.64 -12.36
N TYR A 210 -33.15 -2.39 -13.46
CA TYR A 210 -34.08 -2.15 -14.58
C TYR A 210 -35.50 -2.08 -14.05
N ASN A 211 -35.86 -3.08 -13.24
CA ASN A 211 -37.19 -3.17 -12.60
C ASN A 211 -37.59 -1.91 -11.83
N LYS A 212 -36.62 -1.18 -11.30
CA LYS A 212 -36.87 0.11 -10.68
C LYS A 212 -37.30 1.21 -11.66
N LEU A 213 -37.29 0.99 -12.97
CA LEU A 213 -37.44 2.09 -13.94
C LEU A 213 -38.77 2.23 -14.73
N ASP A 214 -39.76 1.36 -14.49
CA ASP A 214 -40.95 1.24 -15.41
C ASP A 214 -40.60 1.27 -16.92
N LYS A 215 -40.19 0.07 -17.37
CA LYS A 215 -39.74 -0.21 -18.73
C LYS A 215 -38.78 0.86 -19.21
N GLY A 216 -37.65 0.91 -18.50
CA GLY A 216 -36.46 1.64 -18.90
C GLY A 216 -36.49 3.15 -18.97
N GLN A 217 -37.14 3.82 -18.00
CA GLN A 217 -37.16 5.28 -18.00
C GLN A 217 -36.93 5.93 -16.64
N ILE A 218 -36.06 6.93 -16.63
CA ILE A 218 -35.66 7.64 -15.44
C ILE A 218 -36.23 9.04 -15.56
N ILE A 219 -36.64 9.62 -14.44
CA ILE A 219 -36.90 11.05 -14.37
C ILE A 219 -35.60 11.71 -13.91
N VAL A 220 -35.13 12.67 -14.69
CA VAL A 220 -33.87 13.40 -14.49
C VAL A 220 -34.26 14.85 -14.23
N VAL A 221 -33.38 15.69 -13.72
CA VAL A 221 -33.68 17.12 -13.55
C VAL A 221 -32.49 17.90 -14.02
N ILE A 222 -32.68 18.72 -15.06
CA ILE A 222 -31.58 19.50 -15.61
C ILE A 222 -31.71 20.91 -15.06
N TRP A 223 -30.60 21.50 -14.66
CA TRP A 223 -30.59 22.79 -13.97
C TRP A 223 -29.79 23.76 -14.81
N VAL A 224 -30.13 25.03 -14.71
CA VAL A 224 -29.52 26.10 -15.51
C VAL A 224 -29.39 27.30 -14.61
N ILE A 225 -28.50 28.23 -14.94
CA ILE A 225 -28.34 29.49 -14.20
C ILE A 225 -28.35 30.65 -15.19
N VAL A 226 -29.08 31.73 -14.89
CA VAL A 226 -29.12 32.91 -15.81
C VAL A 226 -28.44 34.18 -15.24
N SER A 227 -29.13 34.92 -14.35
CA SER A 227 -28.73 36.30 -14.03
C SER A 227 -28.83 36.63 -12.52
N PRO A 228 -27.81 37.25 -11.89
CA PRO A 228 -26.51 37.61 -12.51
C PRO A 228 -25.65 36.37 -12.70
N ASN A 229 -25.45 35.63 -11.61
CA ASN A 229 -25.06 34.22 -11.66
C ASN A 229 -25.73 33.50 -10.47
N ASN A 230 -27.01 33.84 -10.23
CA ASN A 230 -27.71 33.44 -9.01
C ASN A 230 -28.79 32.39 -9.23
N ASP A 231 -29.96 32.79 -9.74
CA ASP A 231 -31.14 31.93 -9.72
C ASP A 231 -30.95 30.76 -10.69
N LYS A 232 -31.60 29.64 -10.35
CA LYS A 232 -31.55 28.42 -11.15
C LYS A 232 -32.96 28.02 -11.56
N GLN A 233 -33.05 27.16 -12.56
CA GLN A 233 -34.32 26.63 -13.00
C GLN A 233 -34.24 25.11 -13.31
N LYS A 234 -35.16 24.34 -12.73
CA LYS A 234 -35.34 22.91 -13.04
C LYS A 234 -35.92 22.75 -14.45
N TYR A 235 -35.69 21.59 -15.05
CA TYR A 235 -36.33 21.16 -16.29
C TYR A 235 -36.45 19.64 -16.26
N THR A 236 -37.41 19.15 -15.47
CA THR A 236 -37.53 17.72 -15.19
C THR A 236 -37.93 16.88 -16.41
N LEU A 237 -36.99 16.11 -16.95
CA LEU A 237 -37.27 15.23 -18.10
C LEU A 237 -37.66 13.85 -17.62
N LYS A 238 -38.18 13.04 -18.54
CA LYS A 238 -38.23 11.63 -18.33
C LYS A 238 -37.72 11.00 -19.60
N ILE A 239 -36.55 10.38 -19.51
CA ILE A 239 -35.86 9.90 -20.71
C ILE A 239 -35.51 8.44 -20.58
N ASN A 240 -35.06 7.87 -21.68
CA ASN A 240 -34.60 6.49 -21.68
C ASN A 240 -33.32 6.39 -20.88
N HIS A 241 -33.29 5.43 -19.95
CA HIS A 241 -32.09 5.17 -19.15
C HIS A 241 -30.88 5.11 -20.07
N ASP A 242 -31.03 4.42 -21.21
CA ASP A 242 -29.93 4.14 -22.13
C ASP A 242 -29.63 5.24 -23.17
N CYS A 243 -30.24 6.41 -23.04
CA CYS A 243 -29.93 7.52 -23.94
C CYS A 243 -28.71 8.26 -23.39
N VAL A 244 -28.00 9.00 -24.25
CA VAL A 244 -26.68 9.58 -23.96
C VAL A 244 -26.74 11.06 -23.56
N PRO A 245 -25.62 11.66 -23.08
CA PRO A 245 -25.69 13.05 -22.59
C PRO A 245 -26.09 14.09 -23.63
N GLU A 246 -25.57 13.94 -24.85
CA GLU A 246 -25.93 14.79 -26.00
C GLU A 246 -27.44 14.78 -26.29
N GLN A 247 -28.08 13.62 -26.19
CA GLN A 247 -29.55 13.52 -26.28
C GLN A 247 -30.20 14.25 -25.10
N VAL A 248 -29.72 14.00 -23.89
CA VAL A 248 -30.28 14.61 -22.69
C VAL A 248 -30.17 16.14 -22.76
N ILE A 249 -29.04 16.63 -23.25
CA ILE A 249 -28.83 18.09 -23.37
C ILE A 249 -29.81 18.69 -24.35
N ALA A 250 -30.07 17.98 -25.44
CA ALA A 250 -31.09 18.40 -26.40
C ALA A 250 -32.47 18.52 -25.73
N GLU A 251 -32.98 17.42 -25.16
CA GLU A 251 -34.30 17.42 -24.53
C GLU A 251 -34.47 18.49 -23.42
N ALA A 252 -33.41 18.80 -22.71
CA ALA A 252 -33.46 19.91 -21.78
C ALA A 252 -33.69 21.20 -22.54
N ILE A 253 -32.88 21.42 -23.59
CA ILE A 253 -32.90 22.67 -24.33
C ILE A 253 -34.25 22.87 -25.05
N ARG A 254 -34.76 21.81 -25.66
CA ARG A 254 -36.12 21.82 -26.21
C ARG A 254 -37.05 22.42 -25.19
N LYS A 255 -37.30 21.72 -24.08
CA LYS A 255 -38.18 22.19 -23.02
C LYS A 255 -37.88 23.65 -22.61
N LYS A 256 -36.60 24.01 -22.48
CA LYS A 256 -36.25 25.36 -22.02
C LYS A 256 -36.72 26.44 -23.00
N THR A 257 -36.63 26.12 -24.29
CA THR A 257 -36.86 27.05 -25.39
C THR A 257 -38.02 26.64 -26.32
N ARG A 258 -39.06 25.97 -25.81
CA ARG A 258 -40.34 25.86 -26.54
C ARG A 258 -41.02 27.17 -26.23
N SER A 259 -42.01 27.55 -27.04
CA SER A 259 -42.67 28.86 -26.88
C SER A 259 -43.97 28.96 -27.67
N MET A 260 -44.73 30.01 -27.41
CA MET A 260 -45.85 30.39 -28.30
C MET A 260 -45.41 31.23 -29.48
N LEU A 261 -44.15 31.66 -29.52
CA LEU A 261 -43.66 32.44 -30.62
C LEU A 261 -42.74 31.68 -31.55
N LEU A 262 -42.41 30.43 -31.24
CA LEU A 262 -41.61 29.63 -32.15
C LEU A 262 -42.46 28.50 -32.62
N SER A 263 -42.50 28.30 -33.94
CA SER A 263 -43.13 27.12 -34.55
C SER A 263 -42.36 25.89 -34.16
N SER A 264 -42.81 24.73 -34.62
CA SER A 264 -42.04 23.51 -34.43
C SER A 264 -40.71 23.57 -35.17
N GLU A 265 -40.77 23.78 -36.48
CA GLU A 265 -39.56 23.87 -37.31
C GLU A 265 -38.56 24.88 -36.74
N GLN A 266 -39.05 26.02 -36.28
CA GLN A 266 -38.17 27.06 -35.74
C GLN A 266 -37.46 26.63 -34.45
N LEU A 267 -38.11 25.75 -33.69
CA LEU A 267 -37.54 25.21 -32.44
C LEU A 267 -36.37 24.34 -32.80
N LYS A 268 -36.59 23.39 -33.71
CA LYS A 268 -35.53 22.52 -34.21
C LYS A 268 -34.23 23.28 -34.53
N LEU A 269 -34.33 24.45 -35.14
CA LEU A 269 -33.15 25.26 -35.51
C LEU A 269 -32.47 25.95 -34.32
N CYS A 270 -33.26 26.50 -33.41
CA CYS A 270 -32.69 27.13 -32.21
C CYS A 270 -32.06 26.13 -31.26
N VAL A 271 -32.50 24.87 -31.33
CA VAL A 271 -31.87 23.76 -30.58
C VAL A 271 -30.50 23.39 -31.15
N LEU A 272 -30.41 23.23 -32.47
CA LEU A 272 -29.18 22.79 -33.09
C LEU A 272 -28.01 23.77 -32.84
N GLU A 273 -28.27 25.08 -32.96
CA GLU A 273 -27.26 26.11 -32.63
C GLU A 273 -26.85 26.12 -31.14
N TYR A 274 -27.74 25.71 -30.25
CA TYR A 274 -27.47 25.58 -28.81
C TYR A 274 -26.88 24.22 -28.39
N GLN A 275 -27.22 23.15 -29.10
CA GLN A 275 -27.11 21.78 -28.56
C GLN A 275 -25.74 21.46 -27.97
N GLY A 276 -24.69 21.59 -28.80
CA GLY A 276 -23.32 21.28 -28.39
C GLY A 276 -22.52 22.47 -27.88
N LYS A 277 -23.19 23.50 -27.36
CA LYS A 277 -22.51 24.57 -26.64
C LYS A 277 -22.37 24.24 -25.17
N TYR A 278 -23.01 23.15 -24.73
CA TYR A 278 -23.08 22.80 -23.33
C TYR A 278 -22.69 21.34 -23.13
N ILE A 279 -22.32 21.04 -21.87
CA ILE A 279 -22.14 19.67 -21.37
C ILE A 279 -22.78 19.51 -20.01
N LEU A 280 -23.02 18.26 -19.64
CA LEU A 280 -23.64 17.93 -18.35
C LEU A 280 -22.66 17.82 -17.19
N LYS A 281 -22.94 18.58 -16.13
CA LYS A 281 -22.25 18.46 -14.85
C LYS A 281 -23.16 17.67 -13.93
N VAL A 282 -22.61 17.07 -12.86
CA VAL A 282 -23.41 16.57 -11.71
C VAL A 282 -23.47 17.72 -10.71
N CYS A 283 -24.59 17.94 -10.04
CA CYS A 283 -24.69 19.12 -9.15
C CYS A 283 -23.97 18.79 -7.83
N GLY A 284 -23.22 19.76 -7.30
CA GLY A 284 -22.54 19.59 -6.02
C GLY A 284 -21.15 18.99 -6.01
N CYS A 285 -20.63 18.64 -7.18
CA CYS A 285 -19.24 18.16 -7.28
C CYS A 285 -18.71 18.20 -8.71
N ASP A 286 -17.42 18.00 -8.87
CA ASP A 286 -16.82 18.14 -10.18
C ASP A 286 -16.75 16.78 -10.85
N GLU A 287 -17.92 16.30 -11.24
CA GLU A 287 -18.04 15.15 -12.11
C GLU A 287 -18.76 15.63 -13.38
N TYR A 288 -18.39 15.07 -14.53
CA TYR A 288 -18.92 15.54 -15.81
C TYR A 288 -19.13 14.41 -16.78
N PHE A 289 -20.25 14.45 -17.51
CA PHE A 289 -20.62 13.40 -18.45
C PHE A 289 -20.16 13.82 -19.83
N LEU A 290 -18.94 13.43 -20.17
CA LEU A 290 -18.28 14.00 -21.35
C LEU A 290 -18.13 13.07 -22.51
N GLU A 291 -18.62 11.82 -22.46
CA GLU A 291 -18.68 11.05 -23.71
C GLU A 291 -19.82 10.03 -23.85
N LYS A 292 -19.99 9.56 -25.10
CA LYS A 292 -21.05 8.64 -25.50
C LYS A 292 -21.11 7.44 -24.58
N TYR A 293 -22.00 7.51 -23.62
CA TYR A 293 -22.28 6.41 -22.74
C TYR A 293 -23.75 6.53 -22.39
N PRO A 294 -24.44 5.39 -22.29
CA PRO A 294 -25.75 5.35 -21.65
C PRO A 294 -25.70 6.08 -20.32
N LEU A 295 -26.64 6.99 -20.07
CA LEU A 295 -26.69 7.66 -18.77
C LEU A 295 -26.57 6.68 -17.61
N SER A 296 -27.25 5.53 -17.72
CA SER A 296 -27.15 4.45 -16.74
C SER A 296 -25.74 4.02 -16.39
N GLN A 297 -24.90 3.91 -17.41
CA GLN A 297 -23.52 3.49 -17.24
C GLN A 297 -22.65 4.47 -16.43
N TYR A 298 -23.04 5.73 -16.30
CA TYR A 298 -22.35 6.64 -15.36
C TYR A 298 -22.74 6.27 -13.94
N LYS A 299 -21.79 6.33 -13.01
CA LYS A 299 -22.02 5.76 -11.70
C LYS A 299 -22.96 6.63 -10.88
N TYR A 300 -22.87 7.95 -11.04
CA TYR A 300 -23.81 8.84 -10.32
C TYR A 300 -25.26 8.48 -10.59
N ILE A 301 -25.54 8.10 -11.83
CA ILE A 301 -26.88 7.80 -12.29
C ILE A 301 -27.31 6.52 -11.65
N ARG A 302 -26.54 5.46 -11.88
CA ARG A 302 -26.83 4.15 -11.29
C ARG A 302 -26.95 4.16 -9.74
N SER A 303 -26.24 5.06 -9.06
CA SER A 303 -26.42 5.23 -7.62
C SER A 303 -27.78 5.82 -7.27
N CYS A 304 -28.22 6.80 -8.06
CA CYS A 304 -29.50 7.50 -7.84
C CYS A 304 -30.64 6.52 -7.97
N ILE A 305 -30.55 5.67 -8.99
CA ILE A 305 -31.57 4.66 -9.28
C ILE A 305 -31.73 3.70 -8.10
N MET A 306 -30.60 3.25 -7.54
CA MET A 306 -30.63 2.35 -6.37
C MET A 306 -31.07 3.07 -5.10
N LEU A 307 -30.69 4.33 -4.95
CA LEU A 307 -31.03 5.10 -3.76
C LEU A 307 -32.42 5.76 -3.76
N GLY A 308 -33.22 5.49 -4.80
CA GLY A 308 -34.53 6.12 -4.95
C GLY A 308 -34.45 7.64 -5.00
N ARG A 309 -33.61 8.11 -5.92
CA ARG A 309 -33.34 9.53 -6.10
C ARG A 309 -33.38 9.93 -7.56
N MET A 310 -33.55 11.23 -7.74
CA MET A 310 -33.80 11.83 -9.02
C MET A 310 -32.56 12.63 -9.37
N PRO A 311 -31.80 12.20 -10.38
CA PRO A 311 -30.56 12.87 -10.75
C PRO A 311 -30.67 14.38 -10.85
N ASN A 312 -29.61 15.09 -10.52
CA ASN A 312 -29.55 16.53 -10.73
C ASN A 312 -28.27 16.88 -11.44
N LEU A 313 -28.43 17.19 -12.73
CA LEU A 313 -27.36 17.60 -13.61
C LEU A 313 -27.38 19.12 -13.77
N MET A 314 -26.36 19.69 -14.36
CA MET A 314 -26.37 21.12 -14.66
C MET A 314 -25.95 21.29 -16.11
N LEU A 315 -26.48 22.31 -16.77
CA LEU A 315 -26.08 22.59 -18.13
C LEU A 315 -25.00 23.61 -18.00
N MET A 316 -23.78 23.14 -18.21
CA MET A 316 -22.62 23.99 -18.14
C MET A 316 -22.10 24.20 -19.56
N ALA A 317 -21.75 25.45 -19.86
CA ALA A 317 -21.27 25.84 -21.18
C ALA A 317 -19.83 25.39 -21.38
N LYS A 318 -19.56 24.64 -22.45
CA LYS A 318 -18.18 24.24 -22.80
C LYS A 318 -17.15 25.33 -22.59
N GLU A 319 -17.47 26.58 -22.91
CA GLU A 319 -16.50 27.67 -22.72
C GLU A 319 -16.27 28.07 -21.27
N SER A 320 -17.20 27.78 -20.37
CA SER A 320 -16.95 28.03 -18.95
C SER A 320 -16.13 26.90 -18.31
N LEU A 321 -16.23 25.70 -18.87
CA LEU A 321 -15.46 24.54 -18.39
C LEU A 321 -14.04 24.57 -18.95
N TYR A 322 -13.92 24.82 -20.23
CA TYR A 322 -12.62 25.04 -20.86
C TYR A 322 -11.98 26.34 -20.36
N SER A 323 -12.77 27.28 -19.82
CA SER A 323 -12.18 28.46 -19.17
C SER A 323 -11.25 28.03 -18.04
N GLN A 324 -11.74 27.14 -17.18
CA GLN A 324 -11.00 26.63 -16.01
C GLN A 324 -9.74 25.79 -16.32
N LEU A 325 -9.77 24.95 -17.36
CA LEU A 325 -8.65 24.03 -17.67
C LEU A 325 -7.39 24.72 -18.24
N PRO A 326 -6.32 24.89 -17.43
CA PRO A 326 -5.16 25.62 -17.93
C PRO A 326 -4.23 24.69 -18.70
N MET A 327 -3.23 25.26 -19.39
CA MET A 327 -2.33 24.45 -20.21
C MET A 327 -1.36 23.68 -19.33
N ASP A 328 -1.04 22.47 -19.80
CA ASP A 328 -0.16 21.52 -19.09
C ASP A 328 1.30 21.57 -19.57
N CYS A 329 1.51 22.10 -20.78
CA CYS A 329 2.81 22.64 -21.23
C CYS A 329 4.06 21.94 -20.64
N PHE A 330 4.29 20.70 -21.07
CA PHE A 330 5.35 19.86 -20.51
C PHE A 330 6.74 20.30 -20.94
N THR A 331 7.68 20.29 -19.99
CA THR A 331 9.06 20.72 -20.24
C THR A 331 10.03 19.64 -19.81
N MET A 332 10.94 19.28 -20.72
CA MET A 332 12.00 18.33 -20.44
C MET A 332 12.98 18.89 -19.42
N PRO A 333 13.38 18.07 -18.45
CA PRO A 333 14.31 18.53 -17.42
C PRO A 333 15.75 18.62 -17.90
N SER A 334 16.60 19.23 -17.07
CA SER A 334 18.02 19.45 -17.36
C SER A 334 18.74 18.15 -17.69
N TYR A 335 18.31 17.05 -17.07
CA TYR A 335 18.82 15.71 -17.40
C TYR A 335 18.25 15.18 -18.75
N SER A 336 18.40 15.98 -19.82
CA SER A 336 17.84 15.70 -21.17
C SER A 336 16.47 15.03 -21.17
N GLY A 348 24.20 -0.39 -21.53
CA GLY A 348 25.00 -1.59 -21.76
C GLY A 348 26.44 -1.25 -22.08
N GLU A 349 27.13 -2.18 -22.73
CA GLU A 349 28.56 -2.06 -23.07
C GLU A 349 28.86 -2.73 -24.43
N THR A 350 30.03 -2.43 -25.02
CA THR A 350 30.41 -2.95 -26.37
C THR A 350 31.18 -4.28 -26.33
N SER A 351 30.84 -5.19 -27.26
CA SER A 351 31.48 -6.52 -27.46
C SER A 351 31.65 -7.35 -26.18
N THR A 352 30.81 -8.36 -26.02
CA THR A 352 30.74 -9.16 -24.79
C THR A 352 30.68 -10.66 -25.04
N LYS A 353 30.82 -11.43 -23.95
CA LYS A 353 30.76 -12.90 -23.99
C LYS A 353 29.39 -13.39 -23.48
N SER A 354 28.65 -14.18 -24.28
CA SER A 354 27.36 -14.79 -23.84
C SER A 354 27.50 -15.72 -22.63
N LEU A 355 26.49 -15.71 -21.79
CA LEU A 355 26.40 -16.56 -20.62
C LEU A 355 26.60 -17.99 -21.04
N TRP A 356 26.06 -18.35 -22.20
CA TRP A 356 25.99 -19.76 -22.58
C TRP A 356 27.36 -20.41 -22.94
N VAL A 357 28.33 -19.55 -23.28
CA VAL A 357 29.73 -19.93 -23.50
C VAL A 357 30.41 -20.45 -22.20
N ILE A 358 30.00 -19.93 -21.03
CA ILE A 358 30.74 -20.20 -19.79
C ILE A 358 30.57 -21.65 -19.36
N ASN A 359 31.70 -22.29 -19.09
CA ASN A 359 31.72 -23.67 -18.67
C ASN A 359 32.25 -23.80 -17.25
N SER A 360 31.41 -23.45 -16.29
CA SER A 360 31.70 -23.72 -14.86
C SER A 360 30.40 -23.72 -14.05
N ALA A 361 30.42 -24.36 -12.88
CA ALA A 361 29.32 -24.22 -11.94
C ALA A 361 29.45 -22.87 -11.23
N LEU A 362 28.36 -22.38 -10.67
CA LEU A 362 28.41 -21.13 -9.95
C LEU A 362 29.13 -21.36 -8.65
N ARG A 363 29.97 -20.39 -8.31
CA ARG A 363 30.48 -20.27 -6.97
C ARG A 363 30.58 -18.81 -6.57
N ILE A 364 30.43 -18.60 -5.27
CA ILE A 364 30.41 -17.29 -4.67
C ILE A 364 31.30 -17.31 -3.42
N LYS A 365 32.19 -16.32 -3.31
CA LYS A 365 33.08 -16.17 -2.17
C LYS A 365 32.42 -15.26 -1.12
N ILE A 366 32.20 -15.80 0.08
CA ILE A 366 31.62 -15.06 1.20
C ILE A 366 32.80 -14.59 2.02
N LEU A 367 32.86 -13.31 2.40
CA LEU A 367 33.97 -12.81 3.26
C LEU A 367 33.57 -12.46 4.72
N CYS A 368 33.30 -11.18 5.00
CA CYS A 368 33.51 -10.62 6.33
C CYS A 368 32.37 -9.71 6.79
N ALA A 369 31.42 -10.29 7.50
CA ALA A 369 30.43 -9.49 8.24
C ALA A 369 31.16 -8.74 9.37
N THR A 370 30.78 -7.48 9.59
CA THR A 370 31.49 -6.60 10.53
C THR A 370 30.67 -6.17 11.77
N TYR A 371 29.39 -5.80 11.59
CA TYR A 371 28.60 -5.09 12.63
C TYR A 371 27.70 -6.01 13.48
N VAL A 372 28.06 -7.28 13.63
CA VAL A 372 27.10 -8.30 14.09
C VAL A 372 26.87 -8.27 15.60
N ASN A 373 25.67 -7.86 16.01
CA ASN A 373 25.30 -7.62 17.41
C ASN A 373 24.63 -8.85 18.07
N VAL A 374 25.45 -9.70 18.70
CA VAL A 374 25.01 -10.97 19.31
C VAL A 374 25.60 -11.18 20.72
N ASN A 375 24.78 -11.69 21.63
CA ASN A 375 25.24 -12.13 22.96
C ASN A 375 26.09 -13.40 22.86
N ILE A 376 27.31 -13.34 23.35
CA ILE A 376 28.24 -14.49 23.30
C ILE A 376 27.90 -15.47 24.43
N ARG A 377 27.19 -15.00 25.46
CA ARG A 377 26.65 -15.85 26.52
C ARG A 377 25.55 -16.76 25.97
N ASP A 378 24.53 -16.13 25.40
CA ASP A 378 23.29 -16.79 25.00
C ASP A 378 23.49 -17.65 23.73
N ILE A 379 24.08 -17.05 22.69
CA ILE A 379 24.27 -17.73 21.39
C ILE A 379 25.58 -18.52 21.36
N ASP A 380 25.53 -19.75 20.84
CA ASP A 380 26.70 -20.65 20.76
C ASP A 380 27.62 -20.23 19.61
N LYS A 381 27.13 -20.40 18.38
CA LYS A 381 27.95 -20.30 17.16
C LYS A 381 27.10 -19.89 15.95
N ILE A 382 27.69 -19.11 15.02
CA ILE A 382 26.95 -18.47 13.92
C ILE A 382 27.57 -18.62 12.50
N TYR A 383 26.71 -18.82 11.49
CA TYR A 383 27.09 -19.08 10.08
C TYR A 383 26.34 -18.21 9.08
N VAL A 384 26.65 -18.36 7.79
CA VAL A 384 25.94 -17.71 6.68
C VAL A 384 25.27 -18.71 5.74
N ARG A 385 23.95 -18.82 5.81
CA ARG A 385 23.19 -19.62 4.85
C ARG A 385 23.16 -18.87 3.50
N THR A 386 23.17 -19.62 2.39
CA THR A 386 23.01 -19.05 1.04
C THR A 386 22.17 -19.97 0.14
N GLY A 387 21.70 -19.41 -0.97
CA GLY A 387 20.87 -20.13 -1.93
C GLY A 387 20.61 -19.31 -3.16
N ILE A 388 20.42 -19.97 -4.29
CA ILE A 388 20.03 -19.29 -5.52
C ILE A 388 18.53 -19.44 -5.57
N TYR A 389 17.82 -18.44 -6.11
CA TYR A 389 16.35 -18.42 -6.11
C TYR A 389 15.67 -17.94 -7.40
N HIS A 390 14.40 -18.36 -7.54
CA HIS A 390 13.46 -17.87 -8.57
C HIS A 390 11.99 -17.67 -8.02
N GLY A 391 11.84 -17.00 -6.86
CA GLY A 391 10.64 -17.20 -6.02
C GLY A 391 10.93 -18.42 -5.13
N GLY A 392 10.60 -19.63 -5.62
CA GLY A 392 11.19 -20.94 -5.14
C GLY A 392 12.45 -21.39 -5.93
N GLU A 393 13.34 -22.16 -5.28
CA GLU A 393 14.82 -22.21 -5.64
C GLU A 393 15.35 -23.29 -6.66
N PRO A 394 16.39 -22.95 -7.50
CA PRO A 394 16.91 -23.91 -8.49
C PRO A 394 18.13 -24.82 -8.11
N LEU A 395 18.38 -25.05 -6.82
CA LEU A 395 19.42 -26.01 -6.34
C LEU A 395 19.34 -26.33 -4.84
N CYS A 396 20.21 -27.21 -4.36
CA CYS A 396 20.27 -27.53 -2.92
C CYS A 396 20.79 -26.33 -2.14
N ASP A 397 20.13 -26.02 -1.04
CA ASP A 397 20.52 -24.91 -0.21
C ASP A 397 21.69 -25.33 0.67
N ASN A 398 22.67 -24.44 0.80
CA ASN A 398 23.90 -24.74 1.53
C ASN A 398 24.39 -23.59 2.42
N VAL A 399 25.29 -23.96 3.32
CA VAL A 399 25.83 -23.06 4.32
C VAL A 399 27.33 -23.12 4.29
N ASN A 400 27.97 -22.14 4.92
CA ASN A 400 29.38 -22.27 5.28
C ASN A 400 29.49 -22.81 6.72
N THR A 401 30.71 -23.17 7.11
CA THR A 401 30.96 -23.70 8.46
C THR A 401 30.84 -22.57 9.50
N GLN A 402 30.62 -22.95 10.76
CA GLN A 402 30.22 -22.02 11.84
C GLN A 402 31.40 -21.25 12.49
N ARG A 403 32.10 -20.46 11.67
CA ARG A 403 33.45 -19.98 11.96
C ARG A 403 33.54 -18.58 12.62
N VAL A 404 34.63 -18.42 13.38
CA VAL A 404 34.87 -17.31 14.35
C VAL A 404 33.55 -16.89 15.01
N PRO A 405 32.92 -17.85 15.71
CA PRO A 405 31.53 -17.74 16.14
C PRO A 405 31.35 -16.61 17.13
N CYS A 406 30.34 -15.77 16.88
CA CYS A 406 30.08 -14.56 17.63
C CYS A 406 31.28 -13.57 17.57
N SER A 407 32.32 -13.79 18.38
CA SER A 407 33.40 -12.78 18.51
C SER A 407 34.16 -12.52 17.19
N ASN A 408 33.69 -11.50 16.48
CA ASN A 408 34.31 -11.00 15.23
C ASN A 408 34.22 -12.05 14.09
N PRO A 409 33.03 -12.21 13.47
CA PRO A 409 32.78 -13.28 12.49
C PRO A 409 33.42 -13.04 11.12
N ARG A 410 34.25 -13.99 10.72
CA ARG A 410 35.13 -13.84 9.56
C ARG A 410 35.20 -15.19 8.85
N TRP A 411 34.81 -15.20 7.58
CA TRP A 411 35.00 -16.35 6.69
C TRP A 411 35.85 -15.91 5.52
N ASN A 412 36.43 -16.89 4.82
CA ASN A 412 36.97 -16.68 3.48
C ASN A 412 36.84 -18.00 2.77
N GLU A 413 35.59 -18.41 2.57
CA GLU A 413 35.23 -19.63 1.84
C GLU A 413 34.82 -19.31 0.40
N TRP A 414 34.60 -20.37 -0.39
CA TRP A 414 33.94 -20.33 -1.70
C TRP A 414 32.81 -21.34 -1.66
N LEU A 415 31.56 -20.89 -1.56
CA LEU A 415 30.45 -21.81 -1.67
C LEU A 415 30.27 -22.17 -3.16
N ASN A 416 30.09 -23.48 -3.41
CA ASN A 416 29.99 -24.06 -4.76
C ASN A 416 28.57 -24.56 -4.96
N TYR A 417 27.87 -23.97 -5.94
CA TYR A 417 26.44 -24.24 -6.17
C TYR A 417 26.26 -25.16 -7.36
N ASP A 418 25.59 -26.31 -7.15
CA ASP A 418 25.42 -27.33 -8.21
C ASP A 418 24.36 -26.94 -9.24
N ILE A 419 24.78 -26.03 -10.11
CA ILE A 419 24.00 -25.56 -11.26
C ILE A 419 25.02 -24.96 -12.19
N TYR A 420 24.98 -25.32 -13.47
CA TYR A 420 25.97 -24.78 -14.41
C TYR A 420 25.57 -23.33 -14.64
N ILE A 421 26.53 -22.50 -15.04
CA ILE A 421 26.28 -21.06 -15.22
C ILE A 421 25.31 -20.74 -16.37
N PRO A 422 25.32 -21.51 -17.47
CA PRO A 422 24.33 -21.24 -18.54
C PRO A 422 22.84 -21.56 -18.18
N ASP A 423 22.64 -22.40 -17.16
CA ASP A 423 21.31 -22.73 -16.64
C ASP A 423 20.71 -21.71 -15.65
N LEU A 424 21.45 -20.66 -15.31
CA LEU A 424 20.89 -19.54 -14.54
C LEU A 424 19.82 -18.83 -15.41
N PRO A 425 18.57 -18.78 -14.89
CA PRO A 425 17.49 -18.07 -15.60
C PRO A 425 17.67 -16.57 -15.46
N ARG A 426 17.15 -15.78 -16.40
CA ARG A 426 17.34 -14.32 -16.37
C ARG A 426 17.08 -13.63 -15.03
N ALA A 427 16.04 -14.13 -14.33
CA ALA A 427 15.58 -13.54 -13.08
C ALA A 427 16.21 -14.14 -11.83
N ALA A 428 17.36 -14.79 -11.95
CA ALA A 428 17.89 -15.54 -10.83
C ALA A 428 18.43 -14.57 -9.82
N ARG A 429 18.34 -14.96 -8.56
CA ARG A 429 18.79 -14.13 -7.44
C ARG A 429 19.47 -15.00 -6.36
N LEU A 430 20.60 -14.49 -5.85
CA LEU A 430 21.23 -15.01 -4.65
C LEU A 430 20.49 -14.46 -3.44
N CYS A 431 20.07 -15.33 -2.54
CA CYS A 431 19.53 -14.91 -1.27
C CYS A 431 20.42 -15.46 -0.17
N LEU A 432 20.85 -14.59 0.73
CA LEU A 432 21.71 -14.97 1.86
C LEU A 432 21.18 -14.44 3.19
N SER A 433 21.70 -15.00 4.28
CA SER A 433 21.35 -14.63 5.65
C SER A 433 22.35 -15.19 6.66
N ILE A 434 22.57 -14.43 7.72
CA ILE A 434 23.46 -14.82 8.81
C ILE A 434 22.62 -15.48 9.92
N CYS A 435 22.94 -16.72 10.29
CA CYS A 435 22.14 -17.51 11.24
C CYS A 435 22.93 -17.91 12.51
N SER A 436 22.21 -18.38 13.54
CA SER A 436 22.77 -18.76 14.86
C SER A 436 22.44 -20.21 15.23
N VAL A 437 23.32 -20.83 16.02
CA VAL A 437 23.03 -22.12 16.70
C VAL A 437 23.41 -22.00 18.18
N GLU A 445 19.69 -28.16 16.83
CA GLU A 445 18.45 -27.53 16.39
C GLU A 445 18.17 -26.29 17.23
N GLU A 446 19.16 -25.40 17.24
CA GLU A 446 19.07 -24.09 17.89
C GLU A 446 19.08 -23.00 16.80
N HIS A 447 18.56 -23.34 15.61
CA HIS A 447 18.77 -22.54 14.39
C HIS A 447 17.95 -21.24 14.44
N CYS A 448 18.57 -20.12 14.04
CA CYS A 448 17.96 -18.81 14.25
C CYS A 448 18.58 -17.66 13.41
N PRO A 449 17.82 -17.06 12.47
CA PRO A 449 18.37 -16.03 11.58
C PRO A 449 18.61 -14.69 12.25
N LEU A 450 19.79 -14.10 12.02
CA LEU A 450 20.13 -12.76 12.50
C LEU A 450 19.71 -11.68 11.49
N ALA A 451 20.41 -11.61 10.36
CA ALA A 451 20.21 -10.58 9.32
C ALA A 451 20.03 -11.23 7.94
N TRP A 452 19.58 -10.47 6.94
CA TRP A 452 19.36 -11.00 5.58
C TRP A 452 19.60 -9.96 4.49
N GLY A 453 19.66 -10.43 3.25
CA GLY A 453 19.86 -9.55 2.08
C GLY A 453 19.98 -10.38 0.82
N ASN A 454 19.40 -9.90 -0.29
CA ASN A 454 19.42 -10.65 -1.57
C ASN A 454 19.96 -9.81 -2.74
N ILE A 455 20.72 -10.43 -3.65
CA ILE A 455 21.23 -9.76 -4.87
C ILE A 455 20.68 -10.38 -6.15
N ASN A 456 20.43 -9.53 -7.15
CA ASN A 456 20.08 -9.99 -8.49
C ASN A 456 21.34 -10.46 -9.17
N LEU A 457 21.35 -11.71 -9.65
CA LEU A 457 22.55 -12.29 -10.23
C LEU A 457 22.94 -11.62 -11.53
N PHE A 458 21.95 -11.16 -12.27
CA PHE A 458 22.21 -10.31 -13.41
C PHE A 458 21.83 -8.94 -12.99
N ASP A 459 22.40 -7.93 -13.63
CA ASP A 459 22.03 -6.56 -13.38
C ASP A 459 20.92 -6.14 -14.37
N TYR A 460 20.55 -4.87 -14.29
CA TYR A 460 19.48 -4.33 -15.11
C TYR A 460 19.84 -4.18 -16.58
N THR A 461 21.13 -4.23 -16.90
CA THR A 461 21.64 -4.24 -18.29
C THR A 461 21.90 -5.66 -18.84
N ASP A 462 21.37 -6.71 -18.18
CA ASP A 462 21.52 -8.14 -18.56
C ASP A 462 22.83 -8.81 -18.13
N THR A 463 23.67 -8.10 -17.37
CA THR A 463 25.04 -8.49 -17.13
C THR A 463 25.21 -9.39 -15.92
N LEU A 464 25.71 -10.60 -16.15
CA LEU A 464 26.07 -11.53 -15.09
C LEU A 464 27.06 -10.83 -14.15
N VAL A 465 26.74 -10.83 -12.86
CA VAL A 465 27.48 -10.08 -11.85
C VAL A 465 28.85 -10.71 -11.54
N SER A 466 29.88 -9.88 -11.38
CA SER A 466 31.27 -10.34 -11.20
C SER A 466 32.14 -9.33 -10.47
N GLY A 467 32.86 -9.79 -9.46
CA GLY A 467 33.71 -8.91 -8.66
C GLY A 467 33.24 -8.90 -7.23
N LYS A 468 33.71 -7.94 -6.45
CA LYS A 468 33.26 -7.81 -5.06
C LYS A 468 32.09 -6.83 -4.91
N MET A 469 31.20 -7.15 -3.97
CA MET A 469 30.04 -6.31 -3.67
C MET A 469 29.92 -6.16 -2.16
N ALA A 470 29.58 -4.95 -1.72
CA ALA A 470 29.22 -4.68 -0.34
C ALA A 470 27.70 -4.78 -0.22
N LEU A 471 27.19 -5.52 0.76
CA LEU A 471 25.74 -5.67 0.94
C LEU A 471 25.29 -5.49 2.40
N ASN A 472 24.75 -4.30 2.70
CA ASN A 472 24.30 -3.95 4.05
C ASN A 472 22.96 -4.63 4.28
N LEU A 473 22.82 -5.39 5.36
CA LEU A 473 21.67 -6.28 5.54
C LEU A 473 20.44 -5.66 6.23
N TRP A 474 19.33 -6.39 6.16
CA TRP A 474 18.02 -6.00 6.71
C TRP A 474 17.68 -6.86 7.93
N PRO A 475 16.92 -6.32 8.91
CA PRO A 475 16.54 -7.13 10.06
C PRO A 475 15.43 -8.10 9.72
N VAL A 476 15.42 -9.26 10.36
CA VAL A 476 14.30 -10.18 10.21
C VAL A 476 13.01 -9.48 10.67
N PRO A 477 11.91 -9.61 9.90
CA PRO A 477 10.60 -9.10 10.37
C PRO A 477 9.93 -9.85 11.53
N HIS A 478 8.78 -9.34 11.97
CA HIS A 478 7.99 -9.89 13.09
C HIS A 478 7.71 -11.38 12.98
N GLY A 479 6.99 -11.74 11.92
CA GLY A 479 6.52 -13.11 11.73
C GLY A 479 7.58 -14.08 11.23
N LEU A 480 8.59 -13.55 10.53
CA LEU A 480 9.58 -14.37 9.83
C LEU A 480 10.39 -15.25 10.79
N GLU A 481 9.94 -16.51 10.92
CA GLU A 481 10.64 -17.56 11.67
C GLU A 481 11.65 -18.28 10.77
N ASP A 482 11.26 -18.56 9.52
CA ASP A 482 12.16 -19.11 8.48
C ASP A 482 13.43 -18.24 8.33
N LEU A 483 14.49 -18.82 7.76
CA LEU A 483 15.86 -18.31 7.97
C LEU A 483 16.52 -17.52 6.85
N LEU A 484 15.92 -17.48 5.65
CA LEU A 484 16.59 -16.89 4.49
C LEU A 484 15.88 -15.72 3.76
N ASN A 485 14.56 -15.83 3.56
CA ASN A 485 13.73 -14.68 3.08
C ASN A 485 13.87 -14.30 1.57
N PRO A 486 13.43 -15.20 0.67
CA PRO A 486 13.49 -14.90 -0.76
C PRO A 486 12.45 -13.89 -1.26
N ILE A 487 11.23 -13.92 -0.71
CA ILE A 487 10.18 -12.93 -1.06
C ILE A 487 10.64 -11.49 -0.75
N GLY A 488 11.43 -11.31 0.31
CA GLY A 488 12.02 -10.00 0.66
C GLY A 488 12.79 -9.28 -0.44
N VAL A 489 12.87 -7.96 -0.35
CA VAL A 489 13.32 -7.14 -1.47
C VAL A 489 14.78 -7.34 -1.90
N THR A 490 14.94 -7.44 -3.22
CA THR A 490 16.25 -7.41 -3.85
C THR A 490 16.88 -6.03 -3.71
N GLY A 491 18.15 -6.02 -3.33
CA GLY A 491 18.94 -4.80 -3.15
C GLY A 491 19.54 -4.78 -1.76
N SER A 492 20.53 -3.89 -1.59
CA SER A 492 21.16 -3.64 -0.28
C SER A 492 20.44 -2.55 0.51
N ASN A 493 20.33 -2.76 1.82
CA ASN A 493 19.88 -1.72 2.75
C ASN A 493 20.62 -0.36 2.56
N PRO A 494 19.85 0.73 2.35
CA PRO A 494 20.51 2.05 2.25
C PRO A 494 21.01 2.60 3.59
N ASN A 495 20.52 2.05 4.69
CA ASN A 495 21.07 2.32 6.03
C ASN A 495 22.47 1.72 6.18
N LYS A 496 23.50 2.56 6.24
CA LYS A 496 24.89 2.07 6.36
C LYS A 496 25.16 1.30 7.66
N GLU A 497 24.81 1.88 8.81
CA GLU A 497 25.12 1.26 10.12
C GLU A 497 24.25 0.02 10.40
N THR A 498 24.54 -1.05 9.66
CA THR A 498 23.87 -2.36 9.76
C THR A 498 24.85 -3.45 9.29
N PRO A 499 24.56 -4.74 9.62
CA PRO A 499 25.46 -5.83 9.21
C PRO A 499 25.88 -5.84 7.71
N CYS A 500 27.00 -5.18 7.40
CA CYS A 500 27.54 -5.15 6.03
C CYS A 500 28.47 -6.32 5.79
N LEU A 501 27.96 -7.38 5.15
CA LEU A 501 28.80 -8.53 4.78
C LEU A 501 29.14 -8.44 3.30
N GLU A 502 30.42 -8.20 2.97
CA GLU A 502 30.88 -8.15 1.56
C GLU A 502 31.24 -9.53 1.04
N LEU A 503 31.40 -9.64 -0.28
CA LEU A 503 31.57 -10.94 -0.96
C LEU A 503 32.11 -10.78 -2.39
N GLU A 504 32.57 -11.90 -2.98
CA GLU A 504 33.19 -11.91 -4.32
C GLU A 504 32.49 -12.89 -5.30
N PHE A 505 32.24 -12.40 -6.51
CA PHE A 505 31.60 -13.15 -7.58
C PHE A 505 32.64 -13.52 -8.63
N ASP A 506 32.80 -14.82 -8.87
CA ASP A 506 33.63 -15.39 -9.96
C ASP A 506 33.55 -14.53 -11.24
N TRP A 507 34.70 -14.26 -11.86
CA TRP A 507 34.81 -13.36 -13.02
C TRP A 507 35.49 -14.12 -14.14
N PHE A 508 34.91 -14.05 -15.34
CA PHE A 508 35.29 -14.92 -16.45
C PHE A 508 35.93 -14.13 -17.58
N SER A 509 36.97 -13.38 -17.21
CA SER A 509 37.83 -12.67 -18.16
C SER A 509 37.11 -11.65 -19.07
N SER A 510 35.80 -11.47 -18.87
CA SER A 510 34.92 -10.76 -19.82
C SER A 510 33.56 -10.50 -19.13
N VAL A 511 32.93 -9.37 -19.43
CA VAL A 511 31.57 -9.10 -18.93
C VAL A 511 30.54 -10.02 -19.60
N VAL A 512 30.13 -11.06 -18.85
CA VAL A 512 29.14 -12.05 -19.29
C VAL A 512 27.75 -11.42 -19.43
N LYS A 513 27.00 -11.84 -20.44
CA LYS A 513 25.63 -11.33 -20.70
C LYS A 513 24.59 -12.45 -21.00
N PHE A 514 23.32 -12.13 -20.75
CA PHE A 514 22.24 -13.08 -20.98
C PHE A 514 21.92 -13.02 -22.47
N PRO A 515 21.72 -14.18 -23.13
CA PRO A 515 21.59 -14.23 -24.61
C PRO A 515 20.46 -13.40 -25.20
N ASP A 516 20.55 -13.03 -26.48
CA ASP A 516 19.44 -12.36 -27.20
C ASP A 516 18.20 -13.29 -27.31
N MET A 517 17.10 -12.80 -27.87
CA MET A 517 15.92 -13.66 -28.02
C MET A 517 16.11 -14.59 -29.22
N SER A 518 16.66 -14.04 -30.31
CA SER A 518 17.03 -14.85 -31.48
C SER A 518 17.83 -16.11 -31.10
N VAL A 519 18.76 -15.96 -30.16
CA VAL A 519 19.53 -17.09 -29.64
C VAL A 519 18.68 -18.09 -28.87
N ILE A 520 17.77 -17.59 -28.05
CA ILE A 520 16.96 -18.44 -27.17
C ILE A 520 15.85 -19.13 -27.96
N GLU A 521 15.39 -18.49 -29.04
CA GLU A 521 14.49 -19.14 -30.01
C GLU A 521 15.18 -20.35 -30.64
N GLU A 522 16.36 -20.10 -31.22
CA GLU A 522 17.15 -21.16 -31.89
C GLU A 522 17.41 -22.36 -31.00
N HIS A 523 17.77 -22.13 -29.75
CA HIS A 523 17.99 -23.26 -28.84
C HIS A 523 16.70 -24.04 -28.63
N ALA A 524 15.58 -23.33 -28.57
CA ALA A 524 14.26 -23.97 -28.42
C ALA A 524 13.89 -24.82 -29.64
N ASN A 525 14.01 -24.23 -30.84
CA ASN A 525 13.73 -24.96 -32.10
C ASN A 525 14.63 -26.17 -32.29
N TRP A 526 15.88 -26.03 -31.90
CA TRP A 526 16.78 -27.16 -31.83
C TRP A 526 16.30 -28.17 -30.78
N SER A 527 16.00 -27.70 -29.57
CA SER A 527 15.66 -28.62 -28.47
C SER A 527 14.34 -29.38 -28.69
N VAL A 528 13.45 -28.87 -29.55
CA VAL A 528 12.20 -29.57 -29.92
C VAL A 528 12.36 -30.61 -31.04
N SER A 529 13.17 -30.29 -32.07
CA SER A 529 13.55 -31.27 -33.09
C SER A 529 14.31 -32.46 -32.46
N ARG A 530 15.30 -32.15 -31.62
CA ARG A 530 16.03 -33.14 -30.81
C ARG A 530 15.12 -34.07 -29.95
N GLU A 531 13.97 -33.52 -29.53
CA GLU A 531 12.97 -34.29 -28.75
C GLU A 531 12.20 -35.33 -29.59
N ALA A 532 11.79 -34.95 -30.80
CA ALA A 532 11.11 -35.86 -31.74
C ALA A 532 11.87 -37.18 -32.05
N GLY A 533 13.21 -37.13 -32.03
CA GLY A 533 14.06 -38.29 -32.30
C GLY A 533 14.45 -39.13 -31.09
N PHE A 534 14.25 -38.61 -29.88
CA PHE A 534 14.37 -39.43 -28.67
C PHE A 534 13.41 -40.59 -28.81
N SER A 535 13.83 -41.76 -28.37
CA SER A 535 13.17 -42.98 -28.77
C SER A 535 12.43 -43.64 -27.64
N TYR A 536 11.22 -44.11 -27.98
CA TYR A 536 10.44 -45.06 -27.19
C TYR A 536 10.35 -44.65 -25.72
N SER A 537 10.31 -45.65 -24.84
CA SER A 537 10.48 -45.46 -23.39
C SER A 537 11.62 -44.54 -22.95
N HIS A 538 11.38 -43.97 -21.78
CA HIS A 538 12.41 -43.37 -20.95
C HIS A 538 11.99 -43.64 -19.49
N ALA A 539 12.98 -43.72 -18.60
CA ALA A 539 12.75 -43.95 -17.16
C ALA A 539 12.41 -42.61 -16.49
N GLY A 540 11.15 -42.48 -16.05
CA GLY A 540 10.59 -41.17 -15.74
C GLY A 540 10.44 -40.38 -17.04
N LEU A 541 9.90 -41.05 -18.07
CA LEU A 541 9.61 -40.46 -19.38
C LEU A 541 8.64 -39.30 -19.25
N SER A 542 7.70 -39.44 -18.30
CA SER A 542 6.85 -38.35 -17.76
C SER A 542 7.00 -36.96 -18.36
N ASN A 543 8.18 -36.36 -18.25
CA ASN A 543 8.44 -34.99 -18.76
C ASN A 543 8.45 -34.82 -20.30
N ARG A 544 8.45 -35.92 -21.06
CA ARG A 544 8.10 -35.89 -22.50
C ARG A 544 7.01 -36.92 -22.80
N LEU A 545 6.26 -36.69 -23.88
CA LEU A 545 5.03 -37.44 -24.15
C LEU A 545 5.27 -38.94 -24.44
N ALA A 546 5.88 -39.23 -25.59
CA ALA A 546 5.80 -40.53 -26.29
C ALA A 546 4.37 -40.89 -26.77
N ARG A 547 3.40 -40.07 -26.37
CA ARG A 547 1.99 -40.22 -26.68
C ARG A 547 1.63 -39.74 -28.08
N ASP A 548 2.51 -38.93 -28.70
CA ASP A 548 2.30 -38.35 -30.06
C ASP A 548 1.54 -37.01 -29.95
N ASN A 549 1.40 -36.32 -31.09
CA ASN A 549 0.41 -35.24 -31.26
C ASN A 549 -1.01 -35.63 -30.83
N GLU A 550 -1.36 -36.89 -31.04
CA GLU A 550 -2.65 -37.41 -30.63
C GLU A 550 -2.56 -37.77 -29.14
N LEU A 551 -3.41 -37.13 -28.33
CA LEU A 551 -3.41 -37.28 -26.87
C LEU A 551 -4.70 -37.92 -26.36
N ARG A 552 -4.61 -38.63 -25.23
CA ARG A 552 -5.75 -39.37 -24.67
C ARG A 552 -6.81 -38.41 -24.11
N GLU A 553 -8.08 -38.83 -24.15
CA GLU A 553 -9.20 -38.03 -23.65
C GLU A 553 -9.26 -37.96 -22.11
N ASN A 554 -8.69 -38.95 -21.43
CA ASN A 554 -8.48 -38.88 -19.97
C ASN A 554 -7.39 -37.86 -19.60
N ASP A 555 -6.40 -37.69 -20.49
CA ASP A 555 -5.39 -36.64 -20.35
C ASP A 555 -6.03 -35.25 -20.48
N LYS A 556 -6.73 -35.00 -21.59
CA LYS A 556 -7.38 -33.69 -21.84
C LYS A 556 -8.41 -33.24 -20.79
N GLU A 557 -8.93 -34.17 -19.99
CA GLU A 557 -9.84 -33.86 -18.88
C GLU A 557 -9.22 -33.95 -17.47
N GLN A 558 -7.93 -34.31 -17.36
CA GLN A 558 -7.18 -34.00 -16.14
C GLN A 558 -6.54 -32.60 -16.25
N LEU A 559 -6.34 -32.09 -17.47
CA LEU A 559 -5.74 -30.77 -17.68
C LEU A 559 -6.70 -29.62 -17.37
N LYS A 560 -7.87 -29.62 -17.99
CA LYS A 560 -8.92 -28.62 -17.68
C LYS A 560 -9.41 -28.73 -16.25
N ALA A 561 -9.26 -29.92 -15.66
CA ALA A 561 -9.50 -30.15 -14.23
C ALA A 561 -8.50 -29.43 -13.34
N ILE A 562 -7.22 -29.52 -13.71
CA ILE A 562 -6.16 -28.77 -13.03
C ILE A 562 -6.36 -27.25 -13.28
N SER A 563 -6.60 -26.87 -14.55
CA SER A 563 -6.90 -25.48 -14.95
C SER A 563 -7.81 -24.69 -13.99
N THR A 564 -8.88 -25.33 -13.53
CA THR A 564 -9.85 -24.71 -12.64
C THR A 564 -9.31 -24.40 -11.25
N ARG A 565 -8.46 -25.28 -10.73
CA ARG A 565 -7.99 -25.18 -9.34
C ARG A 565 -7.37 -23.82 -9.04
N ASP A 566 -7.45 -23.38 -7.79
CA ASP A 566 -6.95 -22.04 -7.40
C ASP A 566 -5.41 -21.92 -7.41
N PRO A 567 -4.88 -20.69 -7.24
CA PRO A 567 -3.44 -20.50 -7.12
C PRO A 567 -2.76 -21.26 -6.00
N LEU A 568 -3.38 -21.31 -4.83
CA LEU A 568 -2.72 -21.89 -3.65
C LEU A 568 -2.74 -23.44 -3.51
N SER A 569 -3.60 -24.10 -4.29
CA SER A 569 -3.60 -25.57 -4.38
C SER A 569 -2.34 -26.02 -5.12
N GLU A 570 -1.27 -26.18 -4.35
CA GLU A 570 0.04 -26.63 -4.88
C GLU A 570 -0.13 -27.88 -5.73
N ILE A 571 0.77 -28.00 -6.72
CA ILE A 571 0.75 -29.07 -7.70
C ILE A 571 1.78 -30.12 -7.26
N THR A 572 1.50 -31.39 -7.52
CA THR A 572 2.44 -32.49 -7.25
C THR A 572 3.43 -32.64 -8.41
N GLU A 573 4.60 -33.23 -8.12
CA GLU A 573 5.64 -33.37 -9.15
C GLU A 573 5.15 -34.16 -10.39
N GLN A 574 4.24 -35.11 -10.18
CA GLN A 574 3.59 -35.82 -11.29
C GLN A 574 2.86 -34.83 -12.18
N GLU A 575 1.95 -34.08 -11.57
CA GLU A 575 1.12 -33.10 -12.28
C GLU A 575 1.95 -32.03 -12.98
N LYS A 576 3.07 -31.66 -12.36
CA LYS A 576 4.04 -30.75 -12.98
C LYS A 576 4.59 -31.35 -14.25
N ASP A 577 5.21 -32.52 -14.14
CA ASP A 577 5.82 -33.17 -15.30
C ASP A 577 4.75 -33.49 -16.33
N PHE A 578 3.60 -33.94 -15.85
CA PHE A 578 2.43 -34.14 -16.69
C PHE A 578 2.05 -32.90 -17.50
N LEU A 579 1.95 -31.76 -16.82
CA LEU A 579 1.68 -30.48 -17.50
C LEU A 579 2.80 -30.19 -18.48
N TRP A 580 4.04 -30.27 -17.98
CA TRP A 580 5.23 -29.92 -18.76
C TRP A 580 5.36 -30.77 -20.04
N SER A 581 4.98 -32.04 -20.00
CA SER A 581 4.93 -32.84 -21.22
C SER A 581 3.90 -32.28 -22.19
N HIS A 582 2.65 -32.23 -21.76
CA HIS A 582 1.56 -31.76 -22.63
C HIS A 582 1.47 -30.23 -22.79
N ARG A 583 2.53 -29.53 -22.40
CA ARG A 583 2.73 -28.09 -22.64
C ARG A 583 2.17 -27.49 -23.94
N HIS A 584 2.23 -28.24 -25.04
CA HIS A 584 1.75 -27.72 -26.32
C HIS A 584 0.23 -27.76 -26.47
N TYR A 585 -0.41 -28.77 -25.89
CA TYR A 585 -1.88 -28.81 -25.78
C TYR A 585 -2.39 -27.67 -24.89
N CYS A 586 -1.66 -27.34 -23.83
CA CYS A 586 -2.04 -26.24 -22.93
C CYS A 586 -2.34 -24.90 -23.61
N VAL A 587 -1.90 -24.72 -24.87
CA VAL A 587 -2.32 -23.56 -25.71
C VAL A 587 -3.84 -23.61 -26.06
N THR A 588 -4.45 -24.79 -25.98
CA THR A 588 -5.91 -24.92 -25.96
C THR A 588 -6.56 -24.20 -24.75
N ILE A 589 -5.93 -24.32 -23.57
CA ILE A 589 -6.48 -23.78 -22.32
C ILE A 589 -5.64 -22.59 -21.80
N PRO A 590 -5.65 -21.43 -22.52
CA PRO A 590 -4.83 -20.29 -22.07
C PRO A 590 -4.76 -20.12 -20.53
N GLU A 591 -5.92 -20.18 -19.89
CA GLU A 591 -6.07 -20.03 -18.42
C GLU A 591 -5.19 -20.96 -17.57
N ILE A 592 -4.67 -22.03 -18.16
CA ILE A 592 -3.72 -22.93 -17.47
C ILE A 592 -2.30 -22.32 -17.24
N LEU A 593 -1.93 -21.30 -18.02
CA LEU A 593 -0.56 -20.74 -18.02
C LEU A 593 0.09 -20.60 -16.63
N PRO A 594 -0.60 -19.97 -15.66
CA PRO A 594 -0.03 -19.86 -14.30
C PRO A 594 0.47 -21.15 -13.68
N LYS A 595 -0.19 -22.26 -14.00
CA LYS A 595 0.17 -23.57 -13.46
C LYS A 595 1.34 -24.13 -14.27
N LEU A 596 1.19 -24.08 -15.59
CA LEU A 596 2.22 -24.49 -16.50
C LEU A 596 3.57 -23.92 -16.10
N LEU A 597 3.64 -22.60 -15.89
CA LEU A 597 4.89 -21.92 -15.54
C LEU A 597 5.52 -22.43 -14.25
N LEU A 598 4.69 -22.78 -13.27
CA LEU A 598 5.19 -23.29 -11.98
C LEU A 598 5.65 -24.76 -12.05
N SER A 599 5.46 -25.40 -13.22
CA SER A 599 5.97 -26.75 -13.49
C SER A 599 7.32 -26.74 -14.21
N VAL A 600 7.64 -25.67 -14.93
CA VAL A 600 8.93 -25.55 -15.60
C VAL A 600 10.03 -25.66 -14.56
N LYS A 601 11.10 -26.37 -14.90
CA LYS A 601 12.31 -26.34 -14.10
C LYS A 601 13.12 -25.18 -14.63
N TRP A 602 13.23 -24.13 -13.80
CA TRP A 602 13.93 -22.90 -14.19
C TRP A 602 15.45 -23.07 -14.16
N ASN A 603 15.91 -24.15 -13.51
CA ASN A 603 17.30 -24.65 -13.64
C ASN A 603 17.64 -25.47 -14.89
N SER A 604 16.74 -25.55 -15.89
CA SER A 604 17.04 -26.20 -17.18
C SER A 604 16.75 -25.28 -18.35
N ARG A 605 17.77 -24.53 -18.78
CA ARG A 605 17.61 -23.54 -19.86
C ARG A 605 17.00 -24.10 -21.14
N ASP A 606 17.17 -25.41 -21.35
CA ASP A 606 16.43 -26.18 -22.36
C ASP A 606 14.94 -25.91 -22.26
N GLU A 607 14.37 -26.25 -21.09
CA GLU A 607 12.94 -26.07 -20.81
C GLU A 607 12.58 -24.60 -20.95
N VAL A 608 13.27 -23.76 -20.17
CA VAL A 608 13.02 -22.32 -20.07
C VAL A 608 13.03 -21.62 -21.43
N ALA A 609 14.01 -21.95 -22.27
CA ALA A 609 14.04 -21.39 -23.60
C ALA A 609 12.77 -21.74 -24.38
N GLN A 610 12.33 -22.99 -24.27
CA GLN A 610 11.12 -23.43 -24.96
C GLN A 610 9.88 -22.69 -24.44
N MET A 611 9.80 -22.55 -23.12
CA MET A 611 8.74 -21.80 -22.47
C MET A 611 8.68 -20.38 -23.00
N TYR A 612 9.83 -19.69 -23.05
CA TYR A 612 9.90 -18.32 -23.62
C TYR A 612 9.21 -18.16 -24.99
N CYS A 613 9.09 -19.25 -25.75
CA CYS A 613 8.52 -19.26 -27.11
C CYS A 613 7.04 -19.55 -27.17
N LEU A 614 6.56 -20.31 -26.18
CA LEU A 614 5.13 -20.49 -25.98
C LEU A 614 4.55 -19.16 -25.49
N VAL A 615 5.17 -18.66 -24.42
CA VAL A 615 4.78 -17.40 -23.80
C VAL A 615 4.87 -16.24 -24.80
N LYS A 616 5.83 -16.30 -25.71
CA LYS A 616 5.98 -15.29 -26.77
C LYS A 616 4.63 -15.01 -27.44
N ASP A 617 3.98 -16.09 -27.92
CA ASP A 617 2.72 -15.97 -28.66
C ASP A 617 1.61 -16.81 -28.01
N TRP A 618 1.51 -16.69 -26.69
CA TRP A 618 0.43 -17.33 -25.94
C TRP A 618 -0.80 -16.46 -26.12
N PRO A 619 -2.01 -17.06 -26.04
CA PRO A 619 -3.21 -16.27 -26.21
C PRO A 619 -3.40 -15.39 -24.99
N PRO A 620 -3.66 -14.09 -25.21
CA PRO A 620 -3.99 -13.22 -24.09
C PRO A 620 -5.16 -13.74 -23.27
N ILE A 621 -5.07 -13.51 -21.97
CA ILE A 621 -6.05 -13.97 -21.01
C ILE A 621 -6.70 -12.77 -20.30
N LYS A 622 -7.67 -13.05 -19.45
CA LYS A 622 -8.39 -12.02 -18.75
C LYS A 622 -7.45 -11.35 -17.74
N PRO A 623 -7.66 -10.05 -17.46
CA PRO A 623 -6.81 -9.35 -16.48
C PRO A 623 -6.80 -9.93 -15.07
N GLU A 624 -7.92 -10.43 -14.60
CA GLU A 624 -7.97 -11.07 -13.27
C GLU A 624 -7.10 -12.34 -13.19
N GLN A 625 -6.91 -13.04 -14.33
CA GLN A 625 -6.00 -14.21 -14.45
C GLN A 625 -4.54 -13.78 -14.57
N ALA A 626 -4.34 -12.72 -15.37
CA ALA A 626 -3.01 -12.18 -15.65
C ALA A 626 -2.35 -11.44 -14.47
N MET A 627 -3.12 -11.04 -13.46
CA MET A 627 -2.53 -10.40 -12.28
C MET A 627 -1.81 -11.36 -11.36
N GLU A 628 -2.15 -12.65 -11.42
CA GLU A 628 -1.38 -13.66 -10.70
C GLU A 628 0.08 -13.58 -11.14
N LEU A 629 0.27 -13.36 -12.44
CA LEU A 629 1.59 -13.38 -13.08
C LEU A 629 2.46 -12.16 -12.80
N LEU A 630 2.00 -11.24 -11.96
CA LEU A 630 2.87 -10.22 -11.42
C LEU A 630 3.06 -10.37 -9.89
N ASP A 631 2.62 -11.49 -9.28
CA ASP A 631 2.93 -11.72 -7.87
C ASP A 631 4.41 -12.11 -7.72
N CYS A 632 4.86 -12.33 -6.49
CA CYS A 632 6.24 -12.73 -6.22
C CYS A 632 6.67 -14.07 -6.87
N ASN A 633 5.72 -14.97 -7.17
CA ASN A 633 6.05 -16.27 -7.80
C ASN A 633 6.25 -16.25 -9.32
N TYR A 634 6.28 -15.10 -9.96
CA TYR A 634 6.50 -15.05 -11.41
C TYR A 634 7.47 -13.89 -11.72
N PRO A 635 8.74 -14.07 -11.29
CA PRO A 635 9.76 -13.07 -11.49
C PRO A 635 10.26 -12.95 -12.92
N ASP A 636 10.12 -13.98 -13.75
CA ASP A 636 10.66 -13.86 -15.12
C ASP A 636 10.17 -12.60 -15.87
N PRO A 637 11.04 -11.91 -16.63
CA PRO A 637 10.61 -10.72 -17.39
C PRO A 637 9.68 -10.98 -18.56
N MET A 638 9.84 -12.13 -19.20
CA MET A 638 9.03 -12.49 -20.35
C MET A 638 7.60 -12.72 -19.93
N VAL A 639 7.45 -13.46 -18.83
CA VAL A 639 6.16 -13.78 -18.23
C VAL A 639 5.46 -12.48 -17.84
N ARG A 640 6.15 -11.65 -17.06
CA ARG A 640 5.58 -10.41 -16.57
C ARG A 640 5.26 -9.45 -17.66
N GLY A 641 6.04 -9.50 -18.73
CA GLY A 641 5.74 -8.72 -19.92
C GLY A 641 4.41 -9.15 -20.52
N PHE A 642 4.21 -10.46 -20.63
CA PHE A 642 2.96 -11.03 -21.14
C PHE A 642 1.80 -10.43 -20.35
N ALA A 643 1.82 -10.65 -19.04
CA ALA A 643 0.80 -10.13 -18.14
C ALA A 643 0.50 -8.63 -18.35
N VAL A 644 1.52 -7.82 -18.60
CA VAL A 644 1.30 -6.41 -18.88
C VAL A 644 0.59 -6.26 -20.21
N ARG A 645 0.95 -7.07 -21.21
CA ARG A 645 0.27 -7.04 -22.52
C ARG A 645 -1.21 -7.38 -22.39
N CYS A 646 -1.54 -8.30 -21.46
CA CYS A 646 -2.94 -8.58 -21.10
C CYS A 646 -3.61 -7.29 -20.61
N LEU A 647 -3.12 -6.74 -19.51
CA LEU A 647 -3.63 -5.47 -18.99
C LEU A 647 -3.75 -4.37 -20.06
N GLU A 648 -2.77 -4.26 -20.94
CA GLU A 648 -2.79 -3.23 -21.98
C GLU A 648 -4.02 -3.39 -22.87
N LYS A 649 -4.36 -4.64 -23.18
CA LYS A 649 -5.48 -4.98 -24.07
C LYS A 649 -6.82 -4.92 -23.34
N TYR A 650 -6.98 -5.75 -22.32
CA TYR A 650 -8.28 -6.00 -21.68
C TYR A 650 -8.65 -5.03 -20.52
N LEU A 651 -7.74 -4.79 -19.57
CA LEU A 651 -8.03 -4.00 -18.34
C LEU A 651 -8.39 -2.55 -18.57
N THR A 652 -9.56 -2.16 -18.07
CA THR A 652 -10.14 -0.85 -18.33
C THR A 652 -9.87 0.13 -17.21
N ASP A 653 -9.94 1.42 -17.54
CA ASP A 653 -9.65 2.50 -16.59
C ASP A 653 -10.51 2.42 -15.35
N ASP A 654 -11.71 1.84 -15.48
CA ASP A 654 -12.53 1.55 -14.32
C ASP A 654 -11.91 0.45 -13.49
N LYS A 655 -11.61 -0.65 -14.15
CA LYS A 655 -11.15 -1.84 -13.47
C LYS A 655 -9.71 -1.68 -12.99
N LEU A 656 -8.93 -0.84 -13.68
CA LEU A 656 -7.55 -0.52 -13.26
C LEU A 656 -7.61 0.17 -11.93
N SER A 657 -8.34 1.29 -11.88
CA SER A 657 -8.41 2.09 -10.65
C SER A 657 -9.07 1.35 -9.48
N GLN A 658 -9.71 0.21 -9.72
CA GLN A 658 -10.18 -0.64 -8.62
C GLN A 658 -9.05 -1.41 -7.98
N TYR A 659 -8.24 -2.02 -8.85
CA TYR A 659 -7.08 -2.82 -8.47
C TYR A 659 -5.74 -2.05 -8.35
N LEU A 660 -5.77 -0.72 -8.41
CA LEU A 660 -4.55 0.08 -8.44
C LEU A 660 -3.66 -0.17 -7.24
N ILE A 661 -4.25 -0.33 -6.06
CA ILE A 661 -3.51 -0.65 -4.82
C ILE A 661 -2.64 -1.86 -5.04
N GLN A 662 -3.23 -2.91 -5.62
CA GLN A 662 -2.47 -4.14 -5.89
C GLN A 662 -1.40 -3.95 -6.96
N LEU A 663 -1.68 -3.15 -7.98
CA LEU A 663 -0.72 -2.93 -9.05
C LEU A 663 0.47 -2.07 -8.65
N VAL A 664 0.30 -1.26 -7.61
CA VAL A 664 1.39 -0.49 -7.04
C VAL A 664 2.20 -1.36 -6.08
N GLN A 665 1.53 -2.21 -5.29
CA GLN A 665 2.23 -3.15 -4.41
C GLN A 665 3.08 -4.15 -5.17
N VAL A 666 2.59 -4.55 -6.33
CA VAL A 666 3.24 -5.55 -7.16
C VAL A 666 4.53 -5.02 -7.84
N LEU A 667 4.68 -3.69 -7.94
CA LEU A 667 5.93 -3.06 -8.39
C LEU A 667 7.14 -3.52 -7.58
N LYS A 668 6.96 -3.76 -6.29
CA LYS A 668 8.06 -4.08 -5.38
C LYS A 668 8.79 -5.37 -5.74
N TYR A 669 8.08 -6.30 -6.39
CA TYR A 669 8.70 -7.55 -6.90
C TYR A 669 9.29 -7.42 -8.31
N GLU A 670 9.48 -6.21 -8.83
CA GLU A 670 10.01 -6.04 -10.18
C GLU A 670 11.51 -5.84 -10.08
N GLN A 671 12.33 -6.71 -10.67
CA GLN A 671 13.79 -6.69 -10.41
C GLN A 671 14.41 -5.29 -10.54
N TYR A 672 14.06 -4.57 -11.60
CA TYR A 672 14.78 -3.34 -11.94
C TYR A 672 13.82 -2.12 -12.02
N LEU A 673 14.37 -0.92 -11.86
CA LEU A 673 13.58 0.30 -11.79
C LEU A 673 12.69 0.47 -13.01
N ASP A 674 13.34 0.41 -14.17
CA ASP A 674 12.68 0.50 -15.46
C ASP A 674 12.20 -0.87 -15.87
N ASN A 675 10.92 -0.95 -16.20
CA ASN A 675 10.26 -2.18 -16.61
C ASN A 675 8.92 -1.87 -17.28
N LEU A 676 8.18 -2.89 -17.70
CA LEU A 676 6.96 -2.69 -18.50
C LEU A 676 5.79 -2.28 -17.64
N LEU A 677 5.66 -2.97 -16.50
CA LEU A 677 4.64 -2.63 -15.51
C LEU A 677 4.64 -1.18 -15.12
N VAL A 678 5.81 -0.62 -14.81
CA VAL A 678 5.90 0.78 -14.39
C VAL A 678 5.47 1.69 -15.53
N ARG A 679 5.99 1.39 -16.73
CA ARG A 679 5.74 2.21 -17.91
C ARG A 679 4.24 2.24 -18.27
N PHE A 680 3.55 1.14 -17.96
CA PHE A 680 2.11 1.03 -18.17
C PHE A 680 1.35 1.94 -17.18
N LEU A 681 1.44 1.59 -15.90
CA LEU A 681 0.86 2.38 -14.82
C LEU A 681 1.19 3.88 -14.97
N LEU A 682 2.46 4.22 -15.15
CA LEU A 682 2.85 5.61 -15.29
C LEU A 682 2.04 6.25 -16.39
N LYS A 683 1.88 5.56 -17.52
CA LYS A 683 1.18 6.16 -18.64
C LYS A 683 -0.31 6.36 -18.34
N LYS A 684 -0.98 5.33 -17.83
CA LYS A 684 -2.39 5.44 -17.43
C LYS A 684 -2.56 6.57 -16.43
N ALA A 685 -1.68 6.66 -15.45
CA ALA A 685 -1.69 7.76 -14.50
C ALA A 685 -1.63 9.14 -15.14
N LEU A 686 -0.78 9.26 -16.16
CA LEU A 686 -0.62 10.54 -16.90
C LEU A 686 -1.71 10.83 -17.97
N THR A 687 -2.57 9.84 -18.19
CA THR A 687 -3.58 9.83 -19.21
C THR A 687 -4.99 10.05 -18.63
N ASN A 688 -5.19 9.71 -17.35
CA ASN A 688 -6.48 9.76 -16.70
C ASN A 688 -6.25 10.28 -15.27
N GLN A 689 -6.69 11.50 -15.00
CA GLN A 689 -6.33 12.20 -13.77
C GLN A 689 -6.89 11.55 -12.49
N ARG A 690 -7.95 10.77 -12.60
CA ARG A 690 -8.51 10.08 -11.43
C ARG A 690 -7.56 8.96 -10.97
N ILE A 691 -7.00 8.22 -11.92
CA ILE A 691 -5.96 7.23 -11.60
C ILE A 691 -4.73 7.95 -11.03
N GLY A 692 -4.18 8.86 -11.80
CA GLY A 692 -3.07 9.64 -11.34
C GLY A 692 -3.21 10.05 -9.87
N HIS A 693 -4.39 10.53 -9.51
CA HIS A 693 -4.59 10.99 -8.18
C HIS A 693 -4.32 9.88 -7.15
N PHE A 694 -4.96 8.73 -7.32
CA PHE A 694 -4.76 7.66 -6.35
C PHE A 694 -3.41 6.99 -6.52
N PHE A 695 -2.86 7.10 -7.72
CA PHE A 695 -1.49 6.63 -8.00
C PHE A 695 -0.47 7.42 -7.16
N PHE A 696 -0.68 8.74 -7.05
CA PHE A 696 0.21 9.59 -6.27
C PHE A 696 0.10 9.13 -4.84
N TRP A 697 -1.11 9.16 -4.28
CA TRP A 697 -1.27 8.88 -2.86
C TRP A 697 -0.79 7.50 -2.44
N HIS A 698 -0.98 6.47 -3.27
CA HIS A 698 -0.51 5.13 -2.89
C HIS A 698 1.01 5.02 -2.87
N LEU A 699 1.69 5.77 -3.74
CA LEU A 699 3.14 5.83 -3.76
C LEU A 699 3.58 6.69 -2.59
N LYS A 700 3.16 7.94 -2.58
CA LYS A 700 3.42 8.84 -1.45
C LYS A 700 3.23 8.20 -0.06
N SER A 701 2.12 7.48 0.10
CA SER A 701 1.80 6.72 1.33
C SER A 701 2.99 5.97 1.93
N GLU A 702 3.72 5.28 1.06
CA GLU A 702 4.76 4.37 1.44
C GLU A 702 6.16 4.98 1.27
N MET A 703 6.31 6.31 1.25
CA MET A 703 7.65 6.90 1.10
C MET A 703 8.49 6.80 2.35
N HIS A 704 7.87 6.72 3.53
CA HIS A 704 8.58 6.47 4.80
C HIS A 704 9.35 5.14 4.83
N ASN A 705 8.83 4.12 4.12
CA ASN A 705 9.42 2.78 4.12
C ASN A 705 10.62 2.70 3.15
N LYS A 706 11.84 2.67 3.69
CA LYS A 706 13.07 2.83 2.88
C LYS A 706 13.42 1.64 1.99
N THR A 707 12.62 0.57 1.98
CA THR A 707 12.76 -0.43 0.92
C THR A 707 12.40 0.26 -0.39
N VAL A 708 11.25 0.96 -0.38
CA VAL A 708 10.68 1.53 -1.61
C VAL A 708 10.93 3.03 -1.82
N SER A 709 11.38 3.75 -0.80
CA SER A 709 11.62 5.19 -0.93
C SER A 709 12.24 5.62 -2.26
N GLN A 710 13.24 4.88 -2.74
CA GLN A 710 14.00 5.30 -3.90
C GLN A 710 13.14 5.05 -5.10
N ARG A 711 12.71 3.81 -5.24
CA ARG A 711 11.92 3.42 -6.39
C ARG A 711 10.71 4.36 -6.59
N PHE A 712 9.89 4.43 -5.54
CA PHE A 712 8.65 5.22 -5.53
C PHE A 712 8.88 6.71 -5.64
N GLY A 713 9.91 7.20 -4.97
CA GLY A 713 10.35 8.55 -5.17
C GLY A 713 10.62 8.83 -6.63
N LEU A 714 11.42 7.98 -7.26
CA LEU A 714 11.80 8.21 -8.65
C LEU A 714 10.57 8.28 -9.55
N LEU A 715 9.62 7.38 -9.27
CA LEU A 715 8.35 7.31 -9.98
C LEU A 715 7.50 8.54 -9.77
N LEU A 716 7.32 8.93 -8.51
CA LEU A 716 6.60 10.19 -8.16
C LEU A 716 7.19 11.41 -8.81
N GLU A 717 8.50 11.44 -9.00
CA GLU A 717 9.17 12.54 -9.70
C GLU A 717 8.74 12.61 -11.16
N SER A 718 8.69 11.45 -11.82
CA SER A 718 8.25 11.34 -13.21
C SER A 718 6.81 11.82 -13.30
N TYR A 719 5.93 11.21 -12.50
CA TYR A 719 4.52 11.60 -12.46
C TYR A 719 4.40 13.11 -12.25
N CYS A 720 5.06 13.63 -11.21
CA CYS A 720 4.86 15.03 -10.84
C CYS A 720 5.36 15.95 -11.90
N ARG A 721 6.43 15.54 -12.58
CA ARG A 721 6.99 16.34 -13.64
C ARG A 721 6.02 16.53 -14.81
N ALA A 722 5.23 15.49 -15.10
CA ALA A 722 4.44 15.39 -16.35
C ALA A 722 2.94 15.57 -16.20
N CYS A 723 2.41 15.48 -14.99
CA CYS A 723 0.95 15.56 -14.75
C CYS A 723 0.30 16.96 -14.92
N GLY A 724 1.10 18.00 -15.14
CA GLY A 724 0.55 19.31 -15.47
C GLY A 724 0.05 20.01 -14.24
N MET A 725 -1.11 20.66 -14.37
CA MET A 725 -1.63 21.53 -13.29
C MET A 725 -2.07 20.82 -12.03
N TYR A 726 -2.41 19.53 -12.12
CA TYR A 726 -2.79 18.80 -10.93
C TYR A 726 -1.69 18.80 -9.88
N LEU A 727 -0.43 18.96 -10.27
CA LEU A 727 0.64 19.05 -9.27
C LEU A 727 0.33 20.11 -8.25
N LYS A 728 -0.06 21.28 -8.73
CA LYS A 728 -0.38 22.39 -7.83
C LYS A 728 -1.52 22.04 -6.87
N HIS A 729 -2.49 21.30 -7.38
CA HIS A 729 -3.56 20.79 -6.57
C HIS A 729 -3.08 19.78 -5.54
N LEU A 730 -2.23 18.84 -5.97
CA LEU A 730 -1.65 17.84 -5.08
C LEU A 730 -0.80 18.52 -4.03
N ASN A 731 -0.06 19.56 -4.39
CA ASN A 731 0.67 20.32 -3.36
C ASN A 731 -0.24 20.89 -2.30
N ARG A 732 -1.45 21.31 -2.67
CA ARG A 732 -2.36 21.84 -1.66
C ARG A 732 -2.86 20.76 -0.71
N GLN A 733 -3.13 19.59 -1.24
CA GLN A 733 -3.52 18.48 -0.40
C GLN A 733 -2.35 18.14 0.55
N VAL A 734 -1.15 18.10 -0.02
CA VAL A 734 0.02 17.74 0.75
C VAL A 734 0.27 18.75 1.86
N GLU A 735 0.15 20.03 1.51
CA GLU A 735 0.34 21.14 2.45
C GLU A 735 -0.69 21.10 3.58
N ALA A 736 -1.91 20.70 3.25
CA ALA A 736 -2.99 20.52 4.23
C ALA A 736 -2.76 19.35 5.17
N MET A 737 -2.29 18.21 4.68
CA MET A 737 -2.06 17.05 5.54
C MET A 737 -0.90 17.29 6.51
N GLU A 738 0.19 17.89 6.04
CA GLU A 738 1.28 18.17 6.94
C GLU A 738 0.81 19.02 8.09
N LYS A 739 0.01 20.06 7.84
CA LYS A 739 -0.55 20.90 8.94
C LYS A 739 -1.29 20.07 9.98
N LEU A 740 -2.21 19.23 9.49
CA LEU A 740 -2.94 18.32 10.33
C LEU A 740 -2.07 17.30 11.04
N ILE A 741 -1.00 16.83 10.41
CA ILE A 741 -0.09 15.88 11.06
C ILE A 741 0.58 16.56 12.25
N ASN A 742 1.06 17.78 12.08
CA ASN A 742 1.61 18.51 13.22
C ASN A 742 0.61 18.75 14.31
N LEU A 743 -0.62 19.04 13.91
CA LEU A 743 -1.65 19.39 14.87
C LEU A 743 -1.93 18.20 15.79
N THR A 744 -2.21 17.06 15.21
CA THR A 744 -2.44 15.86 15.96
C THR A 744 -1.19 15.42 16.75
N ASP A 745 0.00 15.66 16.22
CA ASP A 745 1.23 15.34 16.96
C ASP A 745 1.35 16.11 18.28
N ILE A 746 1.04 17.40 18.27
CA ILE A 746 1.08 18.21 19.49
C ILE A 746 0.00 17.71 20.50
N LEU A 747 -1.15 17.31 19.98
CA LEU A 747 -2.24 16.82 20.84
C LEU A 747 -1.92 15.48 21.45
N LYS A 748 -1.14 14.68 20.75
CA LYS A 748 -0.86 13.35 21.22
C LYS A 748 0.37 13.26 22.12
N GLN A 749 1.09 14.37 22.26
CA GLN A 749 2.35 14.38 23.00
C GLN A 749 2.32 15.43 24.11
N GLU A 750 2.21 16.69 23.73
CA GLU A 750 2.33 17.76 24.71
C GLU A 750 1.01 17.99 25.42
N LYS A 751 -0.09 17.99 24.67
CA LYS A 751 -1.43 18.25 25.22
C LYS A 751 -2.21 16.98 25.59
N LYS A 752 -1.54 15.84 25.78
CA LYS A 752 -2.19 14.74 26.49
C LYS A 752 -2.14 15.16 27.97
N ASP A 753 -2.88 14.46 28.83
CA ASP A 753 -3.01 14.85 30.24
C ASP A 753 -3.46 16.33 30.36
N GLU A 754 -4.41 16.71 29.51
CA GLU A 754 -5.16 17.95 29.63
C GLU A 754 -6.59 17.53 29.35
N THR A 755 -7.57 18.33 29.79
CA THR A 755 -8.99 18.01 29.49
C THR A 755 -9.30 18.17 28.00
N GLN A 756 -10.17 17.31 27.47
CA GLN A 756 -10.76 17.55 26.16
C GLN A 756 -11.08 19.03 26.07
N LYS A 757 -11.79 19.58 27.04
CA LYS A 757 -12.09 21.01 27.08
C LYS A 757 -10.87 21.86 26.69
N VAL A 758 -9.71 21.60 27.30
CA VAL A 758 -8.48 22.36 27.10
C VAL A 758 -7.86 22.11 25.73
N GLN A 759 -7.76 20.82 25.37
CA GLN A 759 -7.34 20.40 24.02
C GLN A 759 -8.14 21.12 22.92
N MET A 760 -9.46 21.10 23.05
CA MET A 760 -10.35 21.69 22.05
C MET A 760 -10.23 23.19 21.95
N LYS A 761 -9.73 23.85 22.98
CA LYS A 761 -9.44 25.27 22.87
C LYS A 761 -8.25 25.39 21.97
N PHE A 762 -7.18 24.69 22.35
CA PHE A 762 -5.96 24.63 21.55
C PHE A 762 -6.21 24.34 20.07
N LEU A 763 -7.08 23.37 19.77
CA LEU A 763 -7.49 23.07 18.38
C LEU A 763 -8.06 24.29 17.68
N VAL A 764 -9.14 24.84 18.23
CA VAL A 764 -9.78 26.02 17.65
C VAL A 764 -8.77 27.15 17.50
N GLU A 765 -8.10 27.50 18.60
CA GLU A 765 -7.09 28.57 18.60
C GLU A 765 -6.10 28.46 17.40
N GLN A 766 -5.60 27.25 17.17
CA GLN A 766 -4.65 26.98 16.09
C GLN A 766 -5.26 27.09 14.70
N MET A 767 -6.43 26.48 14.50
CA MET A 767 -7.06 26.52 13.19
C MET A 767 -7.38 27.97 12.80
N ARG A 768 -7.64 28.81 13.79
CA ARG A 768 -7.88 30.23 13.56
C ARG A 768 -6.71 30.97 12.92
N ARG A 769 -5.49 30.58 13.26
CA ARG A 769 -4.33 31.32 12.79
C ARG A 769 -4.26 31.31 11.28
N PRO A 770 -3.75 32.40 10.66
CA PRO A 770 -3.84 32.58 9.20
C PRO A 770 -3.21 31.45 8.38
N ASP A 771 -2.02 31.00 8.77
CA ASP A 771 -1.35 29.93 8.06
C ASP A 771 -2.20 28.67 7.94
N PHE A 772 -2.97 28.33 8.97
CA PHE A 772 -3.89 27.16 8.95
C PHE A 772 -5.09 27.45 8.13
N MET A 773 -5.65 28.65 8.34
CA MET A 773 -6.74 29.14 7.50
C MET A 773 -6.40 29.07 6.01
N ASP A 774 -5.20 29.54 5.64
CA ASP A 774 -4.67 29.40 4.27
C ASP A 774 -4.56 27.97 3.80
N ALA A 775 -4.03 27.12 4.67
CA ALA A 775 -3.60 25.78 4.28
C ALA A 775 -4.72 24.77 4.25
N LEU A 776 -5.78 25.02 5.02
CA LEU A 776 -6.88 24.07 5.18
C LEU A 776 -8.20 24.45 4.51
N GLN A 777 -8.20 25.42 3.59
CA GLN A 777 -9.46 25.89 3.02
C GLN A 777 -9.66 25.71 1.51
N GLY A 778 -8.77 26.15 0.67
CA GLY A 778 -9.04 25.92 -0.75
C GLY A 778 -8.44 24.61 -1.20
N PHE A 779 -9.11 23.46 -1.00
CA PHE A 779 -8.53 22.22 -1.59
C PHE A 779 -9.48 21.05 -1.97
N LEU A 780 -8.94 19.96 -2.52
CA LEU A 780 -9.72 18.79 -2.89
C LEU A 780 -9.58 17.62 -1.94
N SER A 781 -10.68 16.97 -1.58
CA SER A 781 -10.59 15.80 -0.73
C SER A 781 -9.70 14.75 -1.37
N PRO A 782 -8.69 14.28 -0.65
CA PRO A 782 -7.96 13.16 -1.23
C PRO A 782 -8.75 11.86 -1.28
N LEU A 783 -9.76 11.70 -0.41
CA LEU A 783 -10.65 10.53 -0.51
C LEU A 783 -11.42 10.49 -1.82
N ASN A 784 -11.67 11.68 -2.37
CA ASN A 784 -12.28 11.83 -3.68
C ASN A 784 -12.06 13.26 -4.16
N PRO A 785 -11.17 13.46 -5.13
CA PRO A 785 -10.88 14.84 -5.56
C PRO A 785 -12.00 15.57 -6.29
N ALA A 786 -13.11 14.89 -6.61
CA ALA A 786 -14.31 15.56 -7.12
C ALA A 786 -14.85 16.57 -6.13
N HIS A 787 -14.83 16.20 -4.85
CA HIS A 787 -15.36 17.08 -3.82
C HIS A 787 -14.40 18.21 -3.56
N GLN A 788 -14.87 19.44 -3.66
CA GLN A 788 -14.06 20.57 -3.22
C GLN A 788 -14.35 20.81 -1.76
N LEU A 789 -13.33 21.27 -1.08
CA LEU A 789 -13.39 21.60 0.32
C LEU A 789 -13.15 23.10 0.39
N GLY A 790 -14.14 23.82 0.91
CA GLY A 790 -14.14 25.28 0.96
C GLY A 790 -13.62 25.79 2.27
N ASN A 791 -14.26 26.83 2.80
CA ASN A 791 -13.94 27.30 4.16
C ASN A 791 -14.32 26.20 5.13
N LEU A 792 -13.51 26.05 6.19
CA LEU A 792 -13.89 25.07 7.20
C LEU A 792 -14.76 25.75 8.22
N ARG A 793 -15.82 25.04 8.61
CA ARG A 793 -16.72 25.46 9.65
C ARG A 793 -16.16 24.91 10.95
N LEU A 794 -15.58 25.83 11.74
CA LEU A 794 -14.93 25.50 12.99
C LEU A 794 -15.91 25.18 14.11
N GLU A 795 -17.16 25.64 13.96
CA GLU A 795 -18.26 25.27 14.86
C GLU A 795 -18.40 23.75 14.92
N GLU A 796 -18.33 23.11 13.76
CA GLU A 796 -18.55 21.68 13.62
C GLU A 796 -17.25 20.86 13.54
N CYS A 797 -16.08 21.50 13.60
CA CYS A 797 -14.82 20.75 13.73
C CYS A 797 -14.59 20.41 15.19
N ARG A 798 -14.03 19.22 15.43
CA ARG A 798 -13.71 18.80 16.80
C ARG A 798 -12.78 17.61 16.88
N ILE A 799 -12.18 17.43 18.06
CA ILE A 799 -11.40 16.23 18.38
C ILE A 799 -12.36 15.19 18.92
N MET A 800 -12.44 14.06 18.23
CA MET A 800 -13.23 12.96 18.72
C MET A 800 -12.64 12.37 20.03
N SER A 801 -13.46 11.55 20.67
CA SER A 801 -13.20 11.04 22.02
C SER A 801 -12.14 9.94 22.08
N SER A 802 -11.80 9.34 20.95
CA SER A 802 -10.75 8.32 20.92
C SER A 802 -9.42 8.82 21.50
N ALA A 803 -8.63 7.88 21.99
CA ALA A 803 -7.31 8.15 22.55
C ALA A 803 -6.29 8.60 21.50
N LYS A 804 -6.48 8.14 20.25
CA LYS A 804 -5.61 8.52 19.13
C LYS A 804 -5.83 9.99 18.68
N ARG A 805 -6.84 10.64 19.25
CA ARG A 805 -7.16 12.05 19.03
C ARG A 805 -7.47 12.34 17.56
N PRO A 806 -8.42 11.61 16.99
CA PRO A 806 -8.75 11.83 15.60
C PRO A 806 -9.53 13.09 15.50
N LEU A 807 -9.39 13.78 14.36
CA LEU A 807 -10.04 15.06 14.12
C LEU A 807 -11.25 14.87 13.24
N TRP A 808 -12.36 15.45 13.72
CA TRP A 808 -13.59 15.60 12.94
C TRP A 808 -13.47 16.96 12.25
N LEU A 809 -13.47 16.96 10.93
CA LEU A 809 -13.25 18.16 10.16
C LEU A 809 -14.40 18.36 9.22
N ASN A 810 -14.86 19.61 9.12
CA ASN A 810 -16.06 19.99 8.39
C ASN A 810 -15.83 21.20 7.49
N TRP A 811 -16.10 21.06 6.20
CA TRP A 811 -15.89 22.14 5.21
C TRP A 811 -17.17 22.53 4.47
N GLU A 812 -17.32 23.80 4.10
CA GLU A 812 -18.41 24.21 3.18
C GLU A 812 -18.21 23.50 1.81
N ASN A 813 -19.28 23.15 1.10
CA ASN A 813 -19.11 22.58 -0.26
C ASN A 813 -19.26 23.71 -1.22
N PRO A 814 -18.13 24.27 -1.69
CA PRO A 814 -18.27 25.56 -2.33
C PRO A 814 -18.86 25.54 -3.74
N ASP A 815 -19.15 24.34 -4.29
CA ASP A 815 -19.94 24.16 -5.53
C ASP A 815 -21.08 25.14 -5.69
N ILE A 816 -21.42 25.43 -6.94
CA ILE A 816 -22.46 26.41 -7.28
C ILE A 816 -23.84 25.95 -6.74
N MET A 817 -24.14 24.65 -6.94
CA MET A 817 -25.37 24.02 -6.44
C MET A 817 -25.09 22.92 -5.38
N GLU A 819 -26.37 22.79 -2.48
CA GLU A 819 -27.61 22.43 -1.80
C GLU A 819 -28.20 21.17 -2.43
N LEU A 820 -28.11 21.05 -3.75
CA LEU A 820 -28.54 19.82 -4.43
C LEU A 820 -27.82 18.47 -4.07
N LEU A 821 -26.65 18.52 -3.42
CA LEU A 821 -25.85 17.31 -3.06
C LEU A 821 -25.47 17.24 -1.58
N PHE A 822 -24.65 18.17 -1.10
CA PHE A 822 -24.47 18.30 0.34
C PHE A 822 -23.82 19.62 0.64
N GLN A 823 -24.42 20.42 1.52
CA GLN A 823 -23.86 21.74 1.83
C GLN A 823 -22.54 21.63 2.59
N ASN A 824 -22.42 20.57 3.38
CA ASN A 824 -21.27 20.38 4.21
C ASN A 824 -20.64 19.05 3.92
N ASN A 825 -19.33 19.02 4.05
CA ASN A 825 -18.52 17.93 3.65
C ASN A 825 -17.58 17.72 4.80
N GLU A 826 -17.60 16.53 5.36
CA GLU A 826 -16.87 16.28 6.59
C GLU A 826 -16.26 14.91 6.53
N ILE A 827 -14.98 14.86 6.92
CA ILE A 827 -14.19 13.64 6.85
C ILE A 827 -13.25 13.59 8.05
N ILE A 828 -12.87 12.38 8.45
CA ILE A 828 -12.07 12.18 9.67
C ILE A 828 -10.61 11.99 9.31
N PHE A 829 -9.73 12.71 10.02
CA PHE A 829 -8.27 12.55 9.92
C PHE A 829 -7.73 11.89 11.19
N LYS A 830 -7.14 10.70 11.07
CA LYS A 830 -6.67 9.94 12.24
C LYS A 830 -5.16 9.65 12.21
N ASN A 831 -4.43 10.37 13.09
CA ASN A 831 -2.96 10.19 13.21
C ASN A 831 -2.49 8.84 13.74
N GLY A 832 -3.22 8.23 14.64
CA GLY A 832 -2.78 6.95 15.18
C GLY A 832 -2.62 5.70 14.32
N ASP A 833 -3.71 5.11 13.86
CA ASP A 833 -3.68 3.72 13.41
C ASP A 833 -3.14 3.62 12.01
N ASP A 834 -2.77 2.38 11.67
CA ASP A 834 -2.33 2.01 10.36
C ASP A 834 -3.56 1.68 9.54
N LEU A 835 -3.90 2.58 8.61
CA LEU A 835 -5.14 2.45 7.87
C LEU A 835 -5.16 1.32 6.85
N ARG A 836 -4.01 0.78 6.50
CA ARG A 836 -3.95 -0.03 5.29
C ARG A 836 -4.60 -1.40 5.35
N GLN A 837 -4.92 -1.90 6.52
CA GLN A 837 -5.69 -3.16 6.60
C GLN A 837 -7.16 -2.87 6.32
N ASP A 838 -7.70 -1.82 6.96
CA ASP A 838 -9.05 -1.30 6.66
C ASP A 838 -9.18 -1.00 5.16
N MET A 839 -8.30 -0.14 4.67
CA MET A 839 -8.18 0.14 3.23
C MET A 839 -8.37 -1.12 2.35
N LEU A 840 -7.67 -2.19 2.69
CA LEU A 840 -7.71 -3.41 1.89
C LEU A 840 -9.04 -4.18 2.02
N THR A 841 -9.55 -4.33 3.25
CA THR A 841 -10.81 -5.06 3.47
C THR A 841 -12.02 -4.33 2.78
N LEU A 842 -12.04 -2.99 2.85
CA LEU A 842 -13.04 -2.15 2.15
C LEU A 842 -12.92 -2.33 0.63
N GLN A 843 -11.70 -2.44 0.12
CA GLN A 843 -11.55 -2.80 -1.27
C GLN A 843 -12.18 -4.19 -1.57
N ILE A 844 -12.00 -5.13 -0.66
CA ILE A 844 -12.43 -6.53 -0.90
C ILE A 844 -13.96 -6.61 -0.85
N ILE A 845 -14.55 -5.94 0.14
CA ILE A 845 -16.01 -5.72 0.22
C ILE A 845 -16.55 -5.10 -1.09
N ARG A 846 -16.05 -3.93 -1.48
CA ARG A 846 -16.45 -3.27 -2.73
C ARG A 846 -16.51 -4.27 -3.89
N ILE A 847 -15.48 -5.10 -3.98
CA ILE A 847 -15.38 -6.10 -5.05
C ILE A 847 -16.46 -7.17 -4.94
N MET A 848 -16.73 -7.65 -3.72
CA MET A 848 -17.80 -8.62 -3.49
C MET A 848 -19.15 -7.99 -3.85
N GLU A 849 -19.36 -6.71 -3.50
CA GLU A 849 -20.60 -6.04 -3.85
C GLU A 849 -20.78 -6.13 -5.37
N ASN A 850 -19.80 -5.63 -6.13
CA ASN A 850 -19.89 -5.66 -7.59
C ASN A 850 -20.04 -7.04 -8.18
N ILE A 851 -19.40 -8.03 -7.58
CA ILE A 851 -19.56 -9.43 -8.03
C ILE A 851 -21.00 -9.87 -7.91
N TRP A 852 -21.55 -9.72 -6.70
CA TRP A 852 -22.94 -10.04 -6.40
C TRP A 852 -23.91 -9.25 -7.30
N GLN A 853 -23.82 -7.93 -7.22
CA GLN A 853 -24.77 -7.03 -7.87
C GLN A 853 -24.85 -7.27 -9.38
N ASN A 854 -23.71 -7.49 -10.02
CA ASN A 854 -23.67 -7.77 -11.48
C ASN A 854 -24.03 -9.23 -11.85
N GLN A 855 -24.50 -10.00 -10.87
CA GLN A 855 -25.10 -11.33 -11.07
C GLN A 855 -26.60 -11.23 -10.70
N GLY A 856 -27.15 -10.01 -10.70
CA GLY A 856 -28.49 -9.74 -10.21
C GLY A 856 -28.77 -10.05 -8.72
N LEU A 857 -27.75 -10.12 -7.88
CA LEU A 857 -27.94 -10.52 -6.47
C LEU A 857 -27.72 -9.34 -5.50
N ASP A 858 -28.81 -8.64 -5.18
CA ASP A 858 -28.74 -7.34 -4.46
C ASP A 858 -28.46 -7.49 -2.95
N LEU A 859 -27.20 -7.32 -2.57
CA LEU A 859 -26.79 -7.31 -1.18
C LEU A 859 -26.03 -6.01 -0.98
N ARG A 860 -26.53 -5.12 -0.13
CA ARG A 860 -26.01 -3.77 -0.11
C ARG A 860 -24.95 -3.53 0.99
N MET A 861 -23.70 -3.61 0.53
CA MET A 861 -22.53 -3.29 1.32
C MET A 861 -22.32 -1.78 1.23
N LEU A 862 -21.67 -1.21 2.25
CA LEU A 862 -21.30 0.21 2.31
C LEU A 862 -19.79 0.30 2.56
N PRO A 863 -19.00 0.12 1.50
CA PRO A 863 -17.56 0.20 1.62
C PRO A 863 -17.17 1.65 1.68
N TYR A 864 -17.24 2.17 2.90
CA TYR A 864 -16.93 3.57 3.17
C TYR A 864 -15.51 3.89 2.76
N GLY A 865 -15.23 5.14 2.53
CA GLY A 865 -13.91 5.58 2.08
C GLY A 865 -12.81 5.58 3.12
N CYS A 866 -11.63 5.10 2.72
CA CYS A 866 -10.44 5.05 3.58
C CYS A 866 -9.18 5.27 2.76
N LEU A 867 -8.27 6.07 3.26
CA LEU A 867 -7.04 6.32 2.53
C LEU A 867 -5.87 6.51 3.46
N SER A 868 -4.87 5.63 3.34
CA SER A 868 -3.60 5.80 4.00
C SER A 868 -2.79 6.79 3.20
N ILE A 869 -2.24 7.78 3.91
CA ILE A 869 -1.44 8.86 3.28
C ILE A 869 -0.05 9.00 3.89
N GLY A 870 0.37 8.03 4.68
CA GLY A 870 1.54 8.21 5.55
C GLY A 870 1.77 7.06 6.48
N ASP A 871 2.74 7.19 7.39
CA ASP A 871 3.03 6.12 8.35
C ASP A 871 2.00 6.24 9.43
N CYS A 872 1.00 5.39 9.33
CA CYS A 872 -0.11 5.38 10.24
C CYS A 872 -0.77 6.74 10.30
N VAL A 873 -1.19 7.23 9.13
CA VAL A 873 -1.99 8.45 8.99
C VAL A 873 -2.98 8.21 7.86
N GLY A 874 -4.17 8.81 7.97
CA GLY A 874 -5.19 8.59 6.98
C GLY A 874 -6.47 9.40 7.09
N LEU A 875 -7.44 9.01 6.26
CA LEU A 875 -8.66 9.74 6.11
C LEU A 875 -9.79 8.74 6.00
N ILE A 876 -10.86 8.98 6.76
CA ILE A 876 -12.02 8.11 6.70
C ILE A 876 -13.22 8.97 6.35
N GLU A 877 -13.98 8.54 5.33
CA GLU A 877 -15.26 9.13 4.93
C GLU A 877 -16.22 9.02 6.09
N VAL A 878 -16.80 10.13 6.52
CA VAL A 878 -17.94 10.09 7.45
C VAL A 878 -19.25 9.75 6.75
N VAL A 879 -19.92 8.69 7.17
CA VAL A 879 -21.27 8.38 6.71
C VAL A 879 -22.21 9.07 7.68
N ARG A 880 -22.97 10.06 7.21
CA ARG A 880 -23.92 10.81 8.08
C ARG A 880 -25.09 9.91 8.38
N ASN A 881 -25.84 10.28 9.42
CA ASN A 881 -27.08 9.60 9.77
C ASN A 881 -26.82 8.13 9.99
N SER A 882 -25.78 7.81 10.75
CA SER A 882 -25.53 6.41 11.08
C SER A 882 -24.96 6.27 12.48
N HIS A 883 -25.25 5.12 13.09
CA HIS A 883 -25.09 4.96 14.54
C HIS A 883 -24.63 3.56 14.91
N THR A 884 -23.64 3.52 15.81
CA THR A 884 -23.20 2.30 16.44
C THR A 884 -24.36 1.79 17.23
N ILE A 885 -24.67 0.50 17.03
CA ILE A 885 -25.72 -0.21 17.79
C ILE A 885 -25.70 0.26 19.24
N MET A 886 -24.51 0.32 19.83
CA MET A 886 -24.38 0.80 21.20
C MET A 886 -25.09 2.13 21.43
N GLN A 887 -24.93 3.11 20.54
CA GLN A 887 -25.68 4.37 20.66
C GLN A 887 -27.18 4.15 20.66
N ILE A 888 -27.65 3.40 19.65
CA ILE A 888 -29.06 3.06 19.56
C ILE A 888 -29.59 2.68 20.94
N GLN A 889 -28.87 1.76 21.59
CA GLN A 889 -29.29 1.16 22.84
C GLN A 889 -29.16 2.10 24.02
N CYS A 890 -28.10 2.90 24.07
CA CYS A 890 -28.00 3.99 25.07
C CYS A 890 -29.09 5.05 24.95
N LYS A 891 -29.46 5.38 23.71
CA LYS A 891 -30.56 6.31 23.47
C LYS A 891 -31.89 5.75 23.96
N GLY A 892 -32.26 4.55 23.51
CA GLY A 892 -33.51 3.89 23.92
C GLY A 892 -33.56 3.16 25.27
N GLY A 893 -32.51 3.27 26.08
CA GLY A 893 -32.44 2.62 27.37
C GLY A 893 -33.17 3.42 28.44
N LEU A 894 -33.99 2.72 29.23
CA LEU A 894 -34.72 3.33 30.35
C LEU A 894 -33.74 3.65 31.48
N LYS A 895 -34.14 4.58 32.34
CA LYS A 895 -33.32 5.05 33.45
C LYS A 895 -33.58 4.10 34.59
N GLY A 896 -32.79 4.19 35.66
CA GLY A 896 -32.70 3.11 36.64
C GLY A 896 -32.09 1.95 35.88
N ALA A 897 -30.88 2.21 35.39
CA ALA A 897 -30.28 1.45 34.30
C ALA A 897 -30.10 -0.03 34.69
N LEU A 898 -31.09 -0.85 34.33
CA LEU A 898 -31.18 -2.25 34.82
C LEU A 898 -30.73 -3.30 33.79
N GLN A 899 -31.29 -3.25 32.58
CA GLN A 899 -30.92 -4.14 31.47
C GLN A 899 -31.46 -3.55 30.18
N PHE A 900 -30.68 -3.65 29.10
CA PHE A 900 -31.15 -3.16 27.79
C PHE A 900 -32.07 -4.17 27.13
N ASN A 901 -32.89 -3.64 26.22
CA ASN A 901 -33.92 -4.40 25.53
C ASN A 901 -33.36 -4.96 24.21
N SER A 902 -33.81 -6.13 23.78
CA SER A 902 -33.47 -6.64 22.45
C SER A 902 -34.17 -5.81 21.36
N HIS A 903 -35.39 -5.35 21.68
CA HIS A 903 -36.23 -4.65 20.72
C HIS A 903 -35.81 -3.20 20.48
N THR A 904 -35.04 -2.61 21.41
CA THR A 904 -34.69 -1.19 21.31
C THR A 904 -34.24 -0.87 19.90
N LEU A 905 -33.41 -1.74 19.32
CA LEU A 905 -32.93 -1.55 17.94
C LEU A 905 -34.08 -1.39 17.00
N HIS A 906 -34.94 -2.41 17.01
CA HIS A 906 -36.13 -2.46 16.17
C HIS A 906 -37.08 -1.29 16.42
N GLN A 907 -37.22 -0.88 17.68
CA GLN A 907 -38.04 0.29 18.04
C GLN A 907 -37.51 1.53 17.34
N TRP A 908 -36.24 1.83 17.56
CA TRP A 908 -35.55 2.94 16.91
C TRP A 908 -35.70 2.96 15.38
N LEU A 909 -35.78 1.78 14.78
CA LEU A 909 -35.79 1.63 13.33
C LEU A 909 -37.20 1.84 12.75
N LYS A 910 -38.22 1.35 13.47
CA LYS A 910 -39.66 1.67 13.23
C LYS A 910 -39.93 3.15 13.33
N ASP A 911 -39.40 3.75 14.40
CA ASP A 911 -39.49 5.17 14.64
C ASP A 911 -38.97 5.99 13.43
N LYS A 912 -37.95 5.47 12.75
CA LYS A 912 -37.40 6.11 11.55
C LYS A 912 -38.21 5.85 10.29
N ASN A 913 -38.70 4.63 10.15
CA ASN A 913 -39.31 4.17 8.90
C ASN A 913 -40.77 3.73 9.08
N LYS A 914 -41.68 4.72 9.15
CA LYS A 914 -43.11 4.46 9.39
C LYS A 914 -43.92 4.35 8.09
N GLY A 915 -44.72 3.29 7.96
CA GLY A 915 -45.63 3.16 6.81
C GLY A 915 -45.12 2.13 5.83
N GLU A 916 -45.40 2.32 4.54
CA GLU A 916 -44.87 1.42 3.49
C GLU A 916 -43.33 1.43 3.54
N ILE A 917 -42.79 2.61 3.88
CA ILE A 917 -41.37 2.82 4.13
C ILE A 917 -40.78 1.69 4.98
N TYR A 918 -41.38 1.40 6.16
CA TYR A 918 -40.99 0.23 7.00
C TYR A 918 -40.56 -1.03 6.21
N ASP A 919 -41.48 -1.60 5.45
CA ASP A 919 -41.18 -2.89 4.82
C ASP A 919 -39.89 -2.83 3.99
N ALA A 920 -39.64 -1.68 3.35
CA ALA A 920 -38.45 -1.48 2.51
C ALA A 920 -37.18 -1.32 3.31
N ALA A 921 -37.27 -0.65 4.46
CA ALA A 921 -36.16 -0.56 5.42
C ALA A 921 -35.72 -1.93 5.91
N ILE A 922 -36.67 -2.82 6.19
CA ILE A 922 -36.31 -4.16 6.68
C ILE A 922 -35.62 -4.96 5.58
N ASP A 923 -36.06 -4.78 4.35
CA ASP A 923 -35.47 -5.41 3.18
C ASP A 923 -34.00 -5.07 3.11
N LEU A 924 -33.72 -3.79 3.32
CA LEU A 924 -32.37 -3.25 3.22
C LEU A 924 -31.52 -3.87 4.29
N PHE A 925 -31.93 -3.68 5.53
CA PHE A 925 -31.29 -4.30 6.68
C PHE A 925 -30.99 -5.75 6.34
N THR A 926 -32.02 -6.50 6.01
CA THR A 926 -31.86 -7.92 5.78
C THR A 926 -30.92 -8.23 4.60
N ARG A 927 -30.94 -7.40 3.57
CA ARG A 927 -29.99 -7.56 2.47
C ARG A 927 -28.54 -7.23 2.87
N SER A 928 -28.35 -6.13 3.60
CA SER A 928 -27.01 -5.71 4.02
C SER A 928 -26.44 -6.62 5.11
N CYS A 929 -27.27 -6.96 6.09
CA CYS A 929 -26.91 -7.91 7.13
C CYS A 929 -26.49 -9.24 6.55
N ALA A 930 -27.08 -9.63 5.43
CA ALA A 930 -26.71 -10.87 4.75
C ALA A 930 -25.34 -10.80 4.11
N GLY A 931 -25.05 -9.72 3.39
CA GLY A 931 -23.75 -9.56 2.75
C GLY A 931 -22.63 -9.44 3.77
N TYR A 932 -22.80 -8.54 4.72
CA TYR A 932 -21.82 -8.37 5.76
C TYR A 932 -21.64 -9.62 6.61
N CYS A 933 -22.62 -10.52 6.65
CA CYS A 933 -22.42 -11.83 7.31
C CYS A 933 -21.39 -12.64 6.52
N VAL A 934 -21.66 -12.82 5.24
CA VAL A 934 -20.88 -13.70 4.37
C VAL A 934 -19.50 -13.16 4.14
N ALA A 935 -19.43 -11.86 3.84
CA ALA A 935 -18.18 -11.14 3.62
C ALA A 935 -17.26 -11.32 4.80
N THR A 936 -17.79 -11.00 5.98
CA THR A 936 -17.03 -11.03 7.24
C THR A 936 -16.55 -12.41 7.69
N PHE A 937 -17.39 -13.43 7.55
CA PHE A 937 -16.99 -14.80 7.81
C PHE A 937 -15.81 -15.23 6.94
N ILE A 938 -15.97 -15.08 5.62
CA ILE A 938 -14.92 -15.41 4.62
C ILE A 938 -13.58 -14.69 4.88
N LEU A 939 -13.64 -13.39 5.14
CA LEU A 939 -12.42 -12.62 5.40
C LEU A 939 -11.86 -12.82 6.79
N GLY A 940 -12.63 -13.41 7.69
CA GLY A 940 -12.15 -13.71 9.02
C GLY A 940 -11.95 -12.50 9.90
N ILE A 941 -12.56 -11.35 9.55
CA ILE A 941 -12.29 -10.07 10.23
C ILE A 941 -12.55 -10.11 11.75
N GLY A 942 -12.04 -9.12 12.49
CA GLY A 942 -12.19 -9.04 13.95
C GLY A 942 -13.62 -9.29 14.44
N ASP A 943 -13.76 -9.99 15.56
CA ASP A 943 -15.09 -10.26 16.17
C ASP A 943 -15.96 -8.99 16.25
N ARG A 944 -17.23 -9.13 15.87
CA ARG A 944 -18.18 -8.01 15.81
C ARG A 944 -18.89 -7.85 17.14
N HIS A 945 -19.22 -6.62 17.51
CA HIS A 945 -19.94 -6.32 18.74
C HIS A 945 -20.68 -5.00 18.58
N ASN A 946 -21.31 -4.50 19.64
CA ASN A 946 -22.22 -3.36 19.51
C ASN A 946 -21.59 -1.98 19.24
N SER A 947 -20.25 -1.86 19.28
CA SER A 947 -19.59 -0.60 18.94
C SER A 947 -18.74 -0.66 17.64
N ASN A 948 -18.86 -1.75 16.88
CA ASN A 948 -18.35 -1.74 15.53
C ASN A 948 -19.35 -2.20 14.45
N ILE A 949 -20.63 -2.17 14.82
CA ILE A 949 -21.72 -2.45 13.88
C ILE A 949 -22.54 -1.18 13.88
N MET A 950 -22.95 -0.78 12.68
CA MET A 950 -23.64 0.48 12.51
C MET A 950 -24.86 0.36 11.63
N VAL A 951 -25.88 1.16 11.97
CA VAL A 951 -27.12 1.18 11.26
C VAL A 951 -27.48 2.60 10.93
N LYS A 952 -27.94 2.79 9.70
CA LYS A 952 -28.37 4.08 9.18
C LYS A 952 -29.86 4.27 9.40
N ASP A 953 -30.29 5.52 9.47
CA ASP A 953 -31.73 5.89 9.61
C ASP A 953 -32.61 5.11 8.62
N ASP A 954 -32.15 4.96 7.39
CA ASP A 954 -32.90 4.24 6.38
C ASP A 954 -32.81 2.72 6.48
N GLY A 955 -32.10 2.19 7.47
CA GLY A 955 -32.14 0.75 7.78
C GLY A 955 -31.00 -0.11 7.27
N GLN A 956 -30.01 0.47 6.60
CA GLN A 956 -28.83 -0.26 6.16
C GLN A 956 -27.88 -0.46 7.30
N LEU A 957 -27.30 -1.68 7.34
CA LEU A 957 -26.31 -2.09 8.33
C LEU A 957 -24.96 -2.19 7.66
N PHE A 958 -23.93 -1.77 8.38
CA PHE A 958 -22.55 -1.92 7.89
C PHE A 958 -21.56 -1.94 9.04
N HIS A 959 -20.45 -2.66 8.83
CA HIS A 959 -19.38 -2.78 9.82
C HIS A 959 -18.31 -1.70 9.64
N ILE A 960 -17.66 -1.34 10.74
CA ILE A 960 -16.48 -0.50 10.73
C ILE A 960 -15.36 -1.13 11.57
N ASP A 961 -14.22 -0.44 11.68
CA ASP A 961 -13.08 -0.81 12.53
C ASP A 961 -12.88 -2.32 12.54
N PHE A 962 -12.49 -2.80 11.36
CA PHE A 962 -12.47 -4.21 11.05
C PHE A 962 -11.38 -5.00 11.81
N GLY A 963 -10.31 -4.33 12.22
CA GLY A 963 -9.19 -4.99 12.91
C GLY A 963 -8.29 -5.79 11.98
N HIS A 964 -7.73 -6.87 12.50
CA HIS A 964 -6.88 -7.75 11.70
C HIS A 964 -7.79 -8.66 10.90
N PHE A 965 -7.49 -8.85 9.62
CA PHE A 965 -8.42 -9.54 8.70
C PHE A 965 -8.32 -11.07 8.67
N LEU A 966 -7.25 -11.67 8.16
CA LEU A 966 -7.27 -13.13 7.93
C LEU A 966 -7.10 -14.02 9.20
N ASP A 967 -7.42 -13.47 10.37
CA ASP A 967 -7.41 -14.16 11.65
C ASP A 967 -6.00 -14.11 12.21
N HIS A 968 -5.57 -12.91 12.57
CA HIS A 968 -4.20 -12.63 13.06
C HIS A 968 -4.02 -12.88 14.58
N LYS A 969 -5.13 -12.96 15.33
CA LYS A 969 -5.08 -13.42 16.73
C LYS A 969 -5.19 -14.96 16.89
N LYS A 970 -5.05 -15.71 15.79
CA LYS A 970 -4.80 -17.17 15.82
C LYS A 970 -3.29 -17.52 15.78
N LYS A 971 -2.43 -16.53 15.51
CA LYS A 971 -0.96 -16.67 15.73
C LYS A 971 -0.68 -16.95 17.22
N LYS A 972 -1.56 -16.45 18.08
CA LYS A 972 -1.73 -16.94 19.45
C LYS A 972 -2.67 -18.15 19.40
N PHE A 973 -2.26 -19.27 20.00
CA PHE A 973 -3.06 -20.52 20.16
C PHE A 973 -3.69 -21.25 18.91
N GLY A 974 -3.89 -20.56 17.79
CA GLY A 974 -4.59 -21.14 16.64
C GLY A 974 -3.66 -21.97 15.78
N LYS A 976 -6.96 -24.23 13.53
CA LYS A 976 -8.18 -24.47 12.74
C LYS A 976 -9.41 -24.06 13.57
N ARG A 977 -9.46 -22.79 13.92
CA ARG A 977 -10.60 -22.23 14.67
C ARG A 977 -11.81 -22.00 13.75
N GLU A 978 -11.56 -21.45 12.55
CA GLU A 978 -12.60 -21.17 11.54
C GLU A 978 -13.75 -20.36 12.15
N ARG A 979 -13.44 -19.12 12.49
CA ARG A 979 -14.28 -18.30 13.35
C ARG A 979 -15.46 -17.64 12.61
N VAL A 980 -16.50 -17.31 13.37
CA VAL A 980 -17.63 -16.52 12.88
C VAL A 980 -17.63 -15.19 13.63
N PRO A 981 -17.25 -14.09 12.93
CA PRO A 981 -17.15 -12.81 13.59
C PRO A 981 -18.48 -12.08 13.74
N PHE A 982 -19.35 -12.19 12.74
CA PHE A 982 -20.67 -11.58 12.81
C PHE A 982 -21.70 -12.62 13.24
N VAL A 983 -22.02 -12.55 14.55
CA VAL A 983 -22.93 -13.46 15.22
C VAL A 983 -24.20 -12.69 15.51
N LEU A 984 -25.31 -13.16 14.93
CA LEU A 984 -26.56 -12.42 14.94
C LEU A 984 -27.28 -12.58 16.26
N THR A 985 -27.00 -11.68 17.19
CA THR A 985 -27.74 -11.62 18.45
C THR A 985 -29.26 -11.54 18.20
N GLN A 986 -30.02 -11.67 19.27
CA GLN A 986 -31.48 -11.55 19.20
C GLN A 986 -31.84 -10.28 18.41
N ASP A 987 -31.27 -9.15 18.85
CA ASP A 987 -31.56 -7.82 18.29
C ASP A 987 -31.82 -7.80 16.79
N PHE A 988 -30.87 -8.40 16.07
CA PHE A 988 -30.87 -8.41 14.61
C PHE A 988 -31.97 -9.32 14.07
N LEU A 989 -32.17 -10.45 14.74
CA LEU A 989 -33.11 -11.49 14.29
C LEU A 989 -34.54 -11.01 14.40
N ILE A 990 -34.84 -10.33 15.52
CA ILE A 990 -36.11 -9.63 15.71
C ILE A 990 -36.40 -8.78 14.48
N VAL A 991 -35.46 -7.87 14.20
CA VAL A 991 -35.55 -6.94 13.08
C VAL A 991 -35.67 -7.70 11.74
N ILE A 992 -34.91 -8.77 11.58
CA ILE A 992 -34.94 -9.53 10.33
C ILE A 992 -36.34 -10.03 10.00
N SER A 993 -37.07 -10.43 11.05
CA SER A 993 -38.39 -11.04 10.94
C SER A 993 -39.52 -10.17 11.53
N LYS A 994 -39.59 -8.93 11.05
CA LYS A 994 -40.55 -7.91 11.51
C LYS A 994 -40.63 -7.75 13.05
N GLY A 995 -41.50 -8.51 13.72
CA GLY A 995 -41.59 -8.44 15.19
C GLY A 995 -41.66 -9.77 15.90
N ALA A 996 -41.53 -10.86 15.16
CA ALA A 996 -41.91 -12.20 15.65
C ALA A 996 -41.18 -12.61 16.92
N GLN A 997 -41.77 -13.56 17.62
CA GLN A 997 -41.20 -14.10 18.85
C GLN A 997 -40.67 -15.47 18.49
N GLU A 998 -39.52 -15.82 19.07
CA GLU A 998 -38.72 -16.99 18.66
C GLU A 998 -38.74 -17.14 17.13
N CYS A 999 -38.00 -16.22 16.52
CA CYS A 999 -38.10 -15.84 15.12
C CYS A 999 -37.24 -16.64 14.16
N THR A 1000 -36.41 -17.52 14.70
CA THR A 1000 -35.65 -18.51 13.92
C THR A 1000 -36.47 -19.23 12.85
N LYS A 1001 -37.80 -19.16 12.95
CA LYS A 1001 -38.70 -20.03 12.19
C LYS A 1001 -39.57 -19.32 11.15
N THR A 1002 -39.49 -17.98 11.08
CA THR A 1002 -40.26 -17.19 10.10
C THR A 1002 -39.73 -17.35 8.67
N ARG A 1003 -40.54 -17.04 7.67
CA ARG A 1003 -40.10 -17.13 6.25
C ARG A 1003 -39.20 -15.96 5.88
N GLU A 1004 -39.49 -14.79 6.47
CA GLU A 1004 -38.57 -13.63 6.52
C GLU A 1004 -37.11 -14.10 6.65
N PHE A 1005 -36.86 -14.96 7.66
CA PHE A 1005 -35.54 -15.50 7.99
C PHE A 1005 -35.09 -16.64 7.08
N GLU A 1006 -36.03 -17.39 6.53
CA GLU A 1006 -35.71 -18.37 5.49
C GLU A 1006 -35.16 -17.62 4.29
N ARG A 1007 -35.92 -16.63 3.82
CA ARG A 1007 -35.47 -15.69 2.77
C ARG A 1007 -34.05 -15.18 3.00
N PHE A 1008 -33.79 -14.76 4.25
CA PHE A 1008 -32.46 -14.31 4.69
C PHE A 1008 -31.39 -15.39 4.44
N GLN A 1009 -31.57 -16.56 5.04
CA GLN A 1009 -30.63 -17.66 4.91
C GLN A 1009 -30.33 -17.99 3.45
N GLU A 1010 -31.34 -17.90 2.58
CA GLU A 1010 -31.14 -18.11 1.15
C GLU A 1010 -30.22 -17.08 0.53
N MET A 1011 -30.32 -15.83 0.97
CA MET A 1011 -29.40 -14.79 0.51
C MET A 1011 -27.97 -15.18 0.93
N CYS A 1012 -27.79 -15.52 2.20
CA CYS A 1012 -26.50 -15.99 2.71
C CYS A 1012 -25.90 -17.17 1.94
N TYR A 1013 -26.72 -18.10 1.49
CA TYR A 1013 -26.23 -19.29 0.76
C TYR A 1013 -25.84 -18.97 -0.68
N LYS A 1014 -26.68 -18.21 -1.38
CA LYS A 1014 -26.35 -17.76 -2.73
C LYS A 1014 -25.21 -16.72 -2.76
N ALA A 1015 -25.05 -15.97 -1.66
CA ALA A 1015 -23.96 -15.01 -1.49
C ALA A 1015 -22.62 -15.69 -1.25
N TYR A 1016 -22.59 -16.60 -0.28
CA TYR A 1016 -21.41 -17.47 -0.03
C TYR A 1016 -20.88 -18.13 -1.29
N LEU A 1017 -21.77 -18.70 -2.08
CA LEU A 1017 -21.38 -19.43 -3.28
C LEU A 1017 -20.88 -18.54 -4.40
N ALA A 1018 -21.49 -17.37 -4.54
CA ALA A 1018 -21.17 -16.45 -5.64
C ALA A 1018 -19.72 -15.97 -5.58
N ILE A 1019 -19.23 -15.80 -4.35
CA ILE A 1019 -17.83 -15.43 -4.08
C ILE A 1019 -16.92 -16.63 -4.32
N ARG A 1020 -17.35 -17.80 -3.85
CA ARG A 1020 -16.61 -19.05 -4.00
C ARG A 1020 -16.24 -19.39 -5.45
N GLN A 1021 -17.09 -18.98 -6.40
CA GLN A 1021 -16.82 -19.14 -7.83
C GLN A 1021 -15.80 -18.13 -8.39
N HIS A 1022 -15.61 -17.01 -7.67
CA HIS A 1022 -14.56 -16.04 -7.97
C HIS A 1022 -13.37 -16.09 -6.99
N ALA A 1023 -13.23 -17.20 -6.28
CA ALA A 1023 -12.25 -17.31 -5.19
C ALA A 1023 -10.80 -17.10 -5.64
N ASN A 1024 -10.51 -17.36 -6.90
CA ASN A 1024 -9.17 -17.11 -7.46
C ASN A 1024 -8.71 -15.67 -7.29
N LEU A 1025 -9.53 -14.75 -7.79
CA LEU A 1025 -9.30 -13.32 -7.67
C LEU A 1025 -8.99 -12.92 -6.24
N PHE A 1026 -9.80 -13.39 -5.30
CA PHE A 1026 -9.60 -13.04 -3.91
C PHE A 1026 -8.29 -13.56 -3.35
N ILE A 1027 -7.90 -14.76 -3.81
CA ILE A 1027 -6.59 -15.31 -3.53
C ILE A 1027 -5.55 -14.35 -4.13
N ASN A 1028 -5.68 -14.05 -5.42
CA ASN A 1028 -4.70 -13.20 -6.12
C ASN A 1028 -4.57 -11.78 -5.60
N LEU A 1029 -5.68 -11.21 -5.14
CA LEU A 1029 -5.67 -9.85 -4.60
C LEU A 1029 -4.89 -9.84 -3.30
N PHE A 1030 -5.15 -10.82 -2.45
CA PHE A 1030 -4.34 -11.02 -1.26
C PHE A 1030 -2.89 -11.39 -1.60
N SER A 1031 -2.68 -12.20 -2.63
CA SER A 1031 -1.32 -12.60 -3.04
C SER A 1031 -0.46 -11.41 -3.44
N MET A 1032 -1.02 -10.53 -4.24
CA MET A 1032 -0.31 -9.34 -4.68
C MET A 1032 0.04 -8.36 -3.55
N MET A 1033 -0.62 -8.47 -2.39
CA MET A 1033 -0.40 -7.56 -1.26
C MET A 1033 0.71 -7.97 -0.29
N LEU A 1034 1.31 -9.15 -0.50
CA LEU A 1034 2.36 -9.67 0.40
C LEU A 1034 3.58 -8.73 0.56
N GLY A 1035 3.85 -7.98 -0.52
CA GLY A 1035 4.84 -6.92 -0.53
C GLY A 1035 4.69 -6.04 0.69
N SER A 1036 3.55 -5.34 0.78
CA SER A 1036 3.28 -4.40 1.89
C SER A 1036 3.65 -5.04 3.21
N GLY A 1037 4.28 -4.27 4.07
CA GLY A 1037 4.74 -4.79 5.35
C GLY A 1037 3.63 -5.02 6.35
N MET A 1038 2.48 -5.52 5.90
CA MET A 1038 1.32 -5.74 6.77
C MET A 1038 1.59 -7.04 7.53
N PRO A 1039 1.59 -6.99 8.88
CA PRO A 1039 1.87 -8.21 9.64
C PRO A 1039 0.84 -9.32 9.40
N GLU A 1040 -0.38 -8.93 9.04
CA GLU A 1040 -1.48 -9.86 8.76
C GLU A 1040 -1.27 -10.63 7.43
N LEU A 1041 -0.30 -10.20 6.60
CA LEU A 1041 0.03 -10.79 5.29
C LEU A 1041 1.54 -10.91 5.12
N GLN A 1042 2.12 -11.86 5.83
CA GLN A 1042 3.57 -12.11 5.82
C GLN A 1042 3.95 -13.13 4.77
N SER A 1043 3.19 -14.22 4.67
CA SER A 1043 3.34 -15.15 3.54
C SER A 1043 2.11 -16.06 3.34
N PHE A 1044 2.09 -16.71 2.17
CA PHE A 1044 0.91 -17.39 1.58
C PHE A 1044 0.03 -18.21 2.51
N ASP A 1045 0.62 -18.88 3.49
CA ASP A 1045 -0.20 -19.62 4.46
C ASP A 1045 -1.18 -18.70 5.21
N ASP A 1046 -0.78 -17.45 5.48
CA ASP A 1046 -1.73 -16.42 5.93
C ASP A 1046 -3.00 -16.40 5.03
N ILE A 1047 -2.76 -16.28 3.71
CA ILE A 1047 -3.79 -16.25 2.68
C ILE A 1047 -4.51 -17.58 2.62
N ALA A 1048 -3.84 -18.66 3.01
CA ALA A 1048 -4.48 -19.98 3.08
C ALA A 1048 -5.68 -20.12 4.08
N TYR A 1049 -5.86 -19.16 5.01
CA TYR A 1049 -7.12 -19.13 5.80
C TYR A 1049 -8.30 -19.12 4.85
N ILE A 1050 -8.25 -18.20 3.89
CA ILE A 1050 -9.36 -17.97 2.98
C ILE A 1050 -9.72 -19.21 2.13
N ARG A 1051 -8.81 -20.18 2.07
CA ARG A 1051 -9.10 -21.46 1.44
C ARG A 1051 -10.07 -22.32 2.27
N LYS A 1052 -9.80 -22.47 3.56
CA LYS A 1052 -10.70 -23.26 4.45
C LYS A 1052 -12.10 -22.70 4.43
N THR A 1053 -12.16 -21.39 4.66
CA THR A 1053 -13.42 -20.66 4.85
C THR A 1053 -14.26 -20.55 3.57
N LEU A 1054 -13.63 -20.54 2.41
CA LEU A 1054 -14.34 -20.74 1.13
C LEU A 1054 -14.44 -22.23 0.74
N ALA A 1055 -13.64 -23.09 1.39
CA ALA A 1055 -13.61 -24.56 1.16
C ALA A 1055 -13.55 -24.88 -0.33
N LEU A 1056 -12.33 -24.86 -0.86
CA LEU A 1056 -12.09 -25.12 -2.29
C LEU A 1056 -11.57 -26.54 -2.56
N ASP A 1057 -11.10 -27.20 -1.50
CA ASP A 1057 -10.77 -28.63 -1.52
C ASP A 1057 -12.04 -29.47 -1.58
N LYS A 1058 -13.14 -28.93 -1.04
CA LYS A 1058 -14.45 -29.59 -1.04
C LYS A 1058 -15.20 -29.35 -2.35
N THR A 1059 -16.34 -30.02 -2.51
CA THR A 1059 -17.27 -29.75 -3.61
C THR A 1059 -18.25 -28.72 -3.11
N GLU A 1060 -18.82 -27.94 -4.03
CA GLU A 1060 -19.64 -26.79 -3.65
C GLU A 1060 -20.78 -27.13 -2.69
N GLN A 1061 -21.41 -28.28 -2.90
CA GLN A 1061 -22.46 -28.75 -2.00
C GLN A 1061 -21.93 -29.06 -0.60
N GLU A 1062 -20.70 -29.59 -0.51
CA GLU A 1062 -20.04 -29.80 0.78
C GLU A 1062 -19.76 -28.47 1.45
N ALA A 1063 -19.30 -27.50 0.66
CA ALA A 1063 -19.02 -26.17 1.17
C ALA A 1063 -20.26 -25.53 1.78
N LEU A 1064 -21.33 -25.45 0.98
CA LEU A 1064 -22.65 -24.98 1.48
C LEU A 1064 -23.00 -25.53 2.85
N GLU A 1065 -22.78 -26.82 3.01
CA GLU A 1065 -23.01 -27.50 4.27
C GLU A 1065 -21.99 -27.05 5.30
N TYR A 1066 -20.71 -26.98 4.91
CA TYR A 1066 -19.67 -26.45 5.80
C TYR A 1066 -20.06 -25.06 6.31
N PHE A 1067 -20.57 -24.20 5.42
CA PHE A 1067 -21.00 -22.85 5.80
C PHE A 1067 -22.22 -22.92 6.71
N MET A 1068 -23.22 -23.72 6.32
CA MET A 1068 -24.40 -23.96 7.14
C MET A 1068 -24.00 -24.43 8.53
N LYS A 1069 -23.11 -25.44 8.55
CA LYS A 1069 -22.59 -26.03 9.80
C LYS A 1069 -21.91 -25.01 10.69
N GLN A 1070 -21.01 -24.22 10.12
CA GLN A 1070 -20.30 -23.17 10.86
C GLN A 1070 -21.26 -22.10 11.34
N MET A 1071 -22.20 -21.70 10.49
CA MET A 1071 -23.21 -20.71 10.88
C MET A 1071 -24.14 -21.24 11.97
N ASN A 1072 -24.38 -22.55 11.95
CA ASN A 1072 -25.19 -23.18 12.98
C ASN A 1072 -24.49 -23.19 14.34
N ASP A 1073 -23.26 -23.69 14.38
CA ASP A 1073 -22.50 -23.89 15.64
C ASP A 1073 -22.21 -22.61 16.45
N ALA A 1074 -21.94 -21.51 15.74
CA ALA A 1074 -21.72 -20.21 16.38
C ALA A 1074 -23.03 -19.63 16.92
N HIS A 1075 -24.11 -19.79 16.16
CA HIS A 1075 -25.45 -19.32 16.54
C HIS A 1075 -26.17 -20.21 17.56
N HIS A 1076 -25.84 -21.52 17.59
CA HIS A 1076 -26.59 -22.55 18.35
C HIS A 1076 -28.04 -22.71 17.83
N GLY A 1077 -28.18 -23.18 16.60
CA GLY A 1077 -29.49 -23.56 16.03
C GLY A 1077 -30.09 -22.66 14.96
N GLY A 1078 -30.36 -23.23 13.79
CA GLY A 1078 -31.04 -22.49 12.70
C GLY A 1078 -30.87 -23.04 11.29
N TRP A 1079 -29.70 -23.59 10.99
CA TRP A 1079 -29.22 -23.79 9.62
C TRP A 1079 -29.09 -25.27 9.21
N THR A 1080 -30.21 -25.90 8.84
CA THR A 1080 -30.21 -27.29 8.28
C THR A 1080 -31.45 -27.61 7.39
N THR A 1081 -31.96 -26.61 6.65
CA THR A 1081 -33.11 -26.82 5.75
C THR A 1081 -32.96 -26.00 4.44
N LYS A 1082 -32.29 -26.58 3.43
CA LYS A 1082 -32.41 -26.11 2.03
C LYS A 1082 -32.07 -27.20 1.01
N MET A 1083 -32.65 -27.07 -0.19
CA MET A 1083 -32.24 -27.85 -1.38
C MET A 1083 -30.99 -27.20 -2.00
N ASP A 1084 -29.84 -27.83 -1.79
CA ASP A 1084 -28.56 -27.40 -2.38
C ASP A 1084 -28.45 -27.85 -3.84
N GLN B 8 -3.41 -47.50 10.93
CA GLN B 8 -3.52 -46.08 11.41
C GLN B 8 -2.25 -45.62 12.10
N ASP B 9 -1.75 -46.45 13.02
CA ASP B 9 -0.57 -46.15 13.83
C ASP B 9 0.64 -46.91 13.29
N TRP B 12 4.62 -41.75 10.88
CA TRP B 12 4.57 -40.46 10.18
C TRP B 12 3.18 -40.07 9.66
N TYR B 13 2.31 -41.05 9.45
CA TYR B 13 1.01 -40.83 8.81
C TYR B 13 0.11 -39.92 9.65
N ARG B 19 -3.23 -29.67 4.16
CA ARG B 19 -2.33 -28.79 3.42
C ARG B 19 -1.83 -27.67 4.32
N GLU B 20 -2.78 -26.96 4.91
CA GLU B 20 -2.47 -25.73 5.65
C GLU B 20 -1.67 -26.13 6.90
N GLU B 21 -2.23 -27.04 7.70
CA GLU B 21 -1.54 -27.55 8.90
C GLU B 21 -0.44 -28.58 8.62
N VAL B 22 -0.38 -29.10 7.39
CA VAL B 22 0.80 -29.86 6.90
C VAL B 22 1.99 -28.95 6.63
N ASN B 23 1.74 -27.82 5.97
CA ASN B 23 2.79 -26.83 5.71
C ASN B 23 3.34 -26.16 6.98
N GLU B 24 2.48 -25.97 8.00
CA GLU B 24 2.91 -25.50 9.32
C GLU B 24 3.74 -26.53 10.11
N LYS B 25 3.57 -27.81 9.80
CA LYS B 25 4.43 -28.88 10.34
C LYS B 25 5.69 -29.18 9.48
N LEU B 26 5.77 -28.58 8.28
CA LEU B 26 7.00 -28.51 7.46
C LEU B 26 7.77 -27.19 7.63
N ARG B 27 7.18 -26.24 8.36
CA ARG B 27 7.80 -24.96 8.70
C ARG B 27 9.09 -25.21 9.48
N ASP B 28 10.21 -24.71 8.95
CA ASP B 28 11.55 -24.93 9.53
C ASP B 28 11.89 -26.43 9.55
N GLY B 32 15.43 -32.87 4.31
CA GLY B 32 15.03 -34.27 4.34
C GLY B 32 13.60 -34.53 4.80
N THR B 33 13.13 -33.74 5.78
CA THR B 33 11.85 -33.95 6.50
C THR B 33 10.62 -34.16 5.57
N PHE B 34 9.73 -35.07 6.00
CA PHE B 34 8.58 -35.51 5.20
C PHE B 34 7.42 -36.00 6.08
N LEU B 35 6.28 -36.21 5.43
CA LEU B 35 5.15 -36.94 6.02
C LEU B 35 4.20 -37.38 4.90
N VAL B 36 3.22 -38.23 5.22
CA VAL B 36 2.24 -38.71 4.23
C VAL B 36 0.82 -38.21 4.55
N ARG B 37 0.13 -37.77 3.49
CA ARG B 37 -1.22 -37.19 3.55
C ARG B 37 -2.28 -38.09 2.89
N ASP B 38 -3.55 -37.72 3.08
CA ASP B 38 -4.70 -38.46 2.55
C ASP B 38 -5.17 -37.91 1.22
N THR B 41 -10.07 -34.34 -2.80
CA THR B 41 -10.90 -35.12 -3.72
C THR B 41 -10.36 -36.54 -3.79
N LYS B 42 -11.26 -37.51 -3.64
CA LYS B 42 -10.92 -38.93 -3.83
C LYS B 42 -10.83 -39.27 -5.33
N MET B 43 -11.71 -38.67 -6.14
CA MET B 43 -11.60 -38.73 -7.62
C MET B 43 -10.52 -37.71 -8.09
N HIS B 44 -9.26 -38.10 -7.89
CA HIS B 44 -8.09 -37.22 -8.01
C HIS B 44 -6.83 -38.09 -7.82
N GLY B 45 -6.72 -38.70 -6.64
CA GLY B 45 -5.67 -39.67 -6.30
C GLY B 45 -6.06 -40.42 -5.04
N ASP B 46 -5.08 -40.79 -4.21
CA ASP B 46 -5.33 -41.35 -2.87
C ASP B 46 -4.48 -40.65 -1.81
N TYR B 47 -3.22 -41.10 -1.64
CA TYR B 47 -2.30 -40.52 -0.63
C TYR B 47 -1.29 -39.57 -1.30
N THR B 48 -0.57 -38.78 -0.48
CA THR B 48 0.47 -37.83 -0.97
C THR B 48 1.66 -37.76 -0.02
N LEU B 49 2.87 -37.65 -0.59
CA LEU B 49 4.13 -37.55 0.16
C LEU B 49 4.68 -36.12 0.07
N THR B 50 4.54 -35.35 1.16
CA THR B 50 4.93 -33.93 1.17
C THR B 50 6.43 -33.73 1.45
N ASN B 57 10.03 -28.31 0.59
CA ASN B 57 8.91 -29.25 0.57
C ASN B 57 8.41 -29.50 -0.87
N LYS B 58 8.29 -30.79 -1.24
CA LYS B 58 7.84 -31.19 -2.59
C LYS B 58 6.78 -32.29 -2.48
N LEU B 59 5.76 -32.23 -3.34
CA LEU B 59 4.59 -33.12 -3.28
C LEU B 59 4.66 -34.27 -4.31
N ILE B 60 4.47 -35.50 -3.83
CA ILE B 60 4.50 -36.71 -4.68
C ILE B 60 3.21 -37.52 -4.52
N LYS B 61 2.45 -37.66 -5.62
CA LYS B 61 1.19 -38.43 -5.68
C LYS B 61 1.33 -39.96 -5.72
N ILE B 62 0.63 -40.66 -4.81
CA ILE B 62 0.71 -42.13 -4.69
C ILE B 62 -0.43 -42.79 -5.47
N LYS B 68 -1.20 -52.60 -5.62
CA LYS B 68 -0.01 -51.81 -5.33
C LYS B 68 -0.40 -50.38 -4.92
N TYR B 69 0.58 -49.65 -4.41
CA TYR B 69 0.41 -48.24 -4.00
C TYR B 69 1.53 -47.38 -4.59
N SER B 78 3.39 -52.97 -2.57
CA SER B 78 2.07 -53.50 -2.27
C SER B 78 1.28 -52.72 -1.20
N SER B 79 1.86 -51.65 -0.63
CA SER B 79 1.26 -50.92 0.51
C SER B 79 1.74 -49.47 0.68
N VAL B 80 1.02 -48.72 1.52
CA VAL B 80 1.39 -47.36 1.90
C VAL B 80 2.65 -47.36 2.79
N VAL B 81 2.75 -48.32 3.70
CA VAL B 81 3.92 -48.48 4.59
C VAL B 81 5.07 -49.22 3.89
N GLU B 82 4.73 -50.01 2.86
CA GLU B 82 5.71 -50.71 2.00
C GLU B 82 6.63 -49.72 1.28
N LEU B 83 6.02 -48.85 0.48
CA LEU B 83 6.74 -47.96 -0.43
C LEU B 83 7.66 -46.93 0.27
N ILE B 84 7.28 -46.47 1.46
CA ILE B 84 7.98 -45.38 2.17
C ILE B 84 9.26 -45.83 2.90
N ASN B 85 9.20 -46.99 3.57
CA ASN B 85 10.38 -47.61 4.23
C ASN B 85 11.57 -47.79 3.28
N HIS B 86 11.26 -48.10 2.01
CA HIS B 86 12.25 -48.24 0.92
C HIS B 86 12.98 -46.94 0.54
N TYR B 87 12.26 -45.81 0.59
CA TYR B 87 12.84 -44.48 0.28
C TYR B 87 13.35 -43.70 1.51
N ARG B 88 13.31 -44.29 2.70
CA ARG B 88 13.89 -43.67 3.90
C ARG B 88 15.42 -43.83 3.86
N ASN B 89 15.87 -45.08 3.65
CA ASN B 89 17.29 -45.38 3.41
C ASN B 89 17.82 -44.81 2.08
N GLU B 90 16.96 -44.79 1.05
CA GLU B 90 17.37 -44.50 -0.34
C GLU B 90 16.85 -43.16 -0.87
N SER B 91 17.42 -42.75 -2.01
CA SER B 91 17.12 -41.44 -2.62
C SER B 91 16.02 -41.52 -3.67
N LEU B 92 15.51 -40.36 -4.06
CA LEU B 92 14.42 -40.21 -5.03
C LEU B 92 14.90 -39.88 -6.46
N ALA B 93 16.18 -40.12 -6.76
CA ALA B 93 16.75 -39.78 -8.06
C ALA B 93 16.31 -40.74 -9.17
N GLN B 94 16.39 -42.04 -8.89
CA GLN B 94 16.12 -43.11 -9.90
C GLN B 94 14.69 -43.20 -10.49
N TYR B 95 13.68 -42.66 -9.79
CA TYR B 95 12.31 -42.62 -10.31
C TYR B 95 12.09 -41.38 -11.20
N ASN B 96 12.65 -40.25 -10.77
CA ASN B 96 12.46 -38.96 -11.43
C ASN B 96 13.70 -38.08 -11.27
N PRO B 97 14.24 -37.52 -12.38
CA PRO B 97 15.39 -36.60 -12.31
C PRO B 97 15.15 -35.37 -11.41
N LYS B 102 16.64 -38.03 -0.09
CA LYS B 102 16.05 -39.04 0.80
C LYS B 102 14.87 -38.49 1.58
N LEU B 103 14.16 -39.39 2.24
CA LEU B 103 13.13 -39.05 3.22
C LEU B 103 13.71 -39.32 4.63
N LEU B 104 14.73 -38.54 5.00
CA LEU B 104 15.61 -38.85 6.14
C LEU B 104 14.96 -38.61 7.53
N TYR B 105 14.03 -37.66 7.64
CA TYR B 105 13.44 -37.24 8.93
C TYR B 105 11.94 -37.55 9.05
N PRO B 106 11.58 -38.77 9.49
CA PRO B 106 10.16 -39.08 9.75
C PRO B 106 9.72 -38.54 11.11
N VAL B 107 9.49 -37.23 11.18
CA VAL B 107 9.19 -36.54 12.45
C VAL B 107 7.70 -36.62 12.83
N ASN B 120 -1.05 -38.72 31.92
CA ASN B 120 -1.06 -37.28 32.15
C ASN B 120 -2.16 -36.58 31.33
N ILE B 121 -3.40 -37.06 31.47
CA ILE B 121 -4.55 -36.45 30.79
C ILE B 121 -4.94 -35.11 31.45
N GLU B 122 -4.91 -35.06 32.79
CA GLU B 122 -5.12 -33.81 33.54
C GLU B 122 -3.80 -33.05 33.84
N ALA B 123 -2.66 -33.73 33.74
CA ALA B 123 -1.34 -33.17 34.12
C ALA B 123 -0.52 -32.47 33.00
N VAL B 124 -1.02 -32.46 31.76
CA VAL B 124 -0.43 -31.66 30.67
C VAL B 124 -1.33 -30.48 30.27
N GLY B 125 -2.61 -30.51 30.66
CA GLY B 125 -3.58 -29.44 30.33
C GLY B 125 -3.23 -28.04 30.79
N LYS B 126 -2.84 -27.89 32.05
CA LYS B 126 -2.43 -26.58 32.60
C LYS B 126 -1.08 -26.10 32.05
N LYS B 127 -0.21 -27.04 31.65
CA LYS B 127 1.06 -26.69 31.01
C LYS B 127 0.86 -26.05 29.63
N LEU B 128 -0.32 -26.24 29.02
CA LEU B 128 -0.73 -25.47 27.85
C LEU B 128 -1.02 -23.98 28.17
N HIS B 129 -1.58 -23.69 29.35
CA HIS B 129 -1.70 -22.30 29.83
C HIS B 129 -0.33 -21.70 30.17
N GLU B 130 0.53 -22.49 30.83
CA GLU B 130 1.85 -22.02 31.33
C GLU B 130 2.83 -21.66 30.22
N TYR B 131 3.03 -22.60 29.30
CA TYR B 131 3.89 -22.35 28.14
C TYR B 131 3.37 -21.24 27.23
N ASN B 132 2.04 -21.13 27.15
CA ASN B 132 1.38 -20.04 26.43
C ASN B 132 1.61 -18.67 27.09
N THR B 133 1.53 -18.62 28.42
CA THR B 133 1.66 -17.33 29.17
C THR B 133 3.08 -16.76 29.25
N GLN B 134 4.13 -17.58 29.06
CA GLN B 134 5.49 -17.04 28.87
C GLN B 134 5.64 -16.69 27.40
N PHE B 135 5.27 -17.61 26.51
CA PHE B 135 5.29 -17.34 25.06
C PHE B 135 4.63 -16.00 24.73
N GLN B 136 3.43 -15.76 25.25
CA GLN B 136 2.69 -14.50 24.99
C GLN B 136 3.28 -13.29 25.73
N GLU B 137 3.94 -13.52 26.87
CA GLU B 137 4.82 -12.52 27.49
C GLU B 137 6.06 -12.26 26.61
N LYS B 138 6.66 -13.35 26.14
CA LYS B 138 7.91 -13.32 25.36
C LYS B 138 7.69 -12.66 24.00
N SER B 139 6.55 -12.98 23.37
CA SER B 139 6.12 -12.32 22.12
C SER B 139 5.96 -10.81 22.30
N ARG B 140 5.33 -10.38 23.40
CA ARG B 140 5.22 -8.96 23.74
C ARG B 140 6.60 -8.30 23.83
N GLU B 141 7.53 -8.96 24.50
CA GLU B 141 8.90 -8.45 24.64
C GLU B 141 9.55 -8.31 23.27
N TYR B 142 9.37 -9.32 22.42
CA TYR B 142 9.82 -9.24 21.03
C TYR B 142 9.09 -8.14 20.24
N ASP B 143 7.78 -7.98 20.47
CA ASP B 143 6.96 -6.93 19.80
C ASP B 143 7.31 -5.49 20.27
N ARG B 144 7.66 -5.34 21.54
CA ARG B 144 8.10 -4.04 22.09
C ARG B 144 9.42 -3.59 21.50
N LEU B 145 10.39 -4.50 21.55
CA LEU B 145 11.77 -4.18 21.17
C LEU B 145 11.92 -3.91 19.66
N TYR B 146 11.25 -4.68 18.81
CA TYR B 146 11.22 -4.42 17.36
C TYR B 146 10.65 -3.01 17.09
N GLU B 147 9.75 -2.54 17.96
CA GLU B 147 9.30 -1.14 17.94
C GLU B 147 10.49 -0.22 18.27
N GLU B 148 11.10 -0.45 19.45
CA GLU B 148 12.20 0.38 19.97
C GLU B 148 13.37 0.45 19.00
N TYR B 149 13.76 -0.73 18.52
CA TYR B 149 14.77 -0.92 17.46
C TYR B 149 14.56 0.00 16.25
N THR B 150 13.32 0.03 15.73
CA THR B 150 13.00 0.76 14.50
C THR B 150 12.85 2.27 14.72
N ARG B 151 12.14 2.64 15.78
CA ARG B 151 11.99 4.06 16.12
C ARG B 151 13.33 4.67 16.55
N THR B 152 14.17 3.86 17.21
CA THR B 152 15.55 4.28 17.50
C THR B 152 16.35 4.41 16.20
N SER B 153 16.14 3.50 15.24
CA SER B 153 16.73 3.66 13.91
C SER B 153 16.22 4.96 13.24
N GLN B 154 14.92 5.23 13.39
CA GLN B 154 14.32 6.45 12.85
C GLN B 154 14.93 7.71 13.49
N GLU B 155 14.73 7.85 14.80
CA GLU B 155 15.34 8.92 15.60
C GLU B 155 16.82 9.18 15.25
N ILE B 156 17.58 8.09 15.11
CA ILE B 156 19.01 8.14 14.73
C ILE B 156 19.22 8.92 13.44
N GLN B 157 18.49 8.53 12.39
CA GLN B 157 18.72 9.14 11.09
C GLN B 157 18.20 10.58 11.01
N MET B 158 17.19 10.91 11.81
CA MET B 158 16.75 12.30 12.00
C MET B 158 17.85 13.17 12.60
N LYS B 159 18.63 12.57 13.49
CA LYS B 159 19.85 13.21 14.00
C LYS B 159 20.89 13.36 12.88
N ARG B 160 21.18 12.26 12.17
CA ARG B 160 22.16 12.29 11.08
C ARG B 160 21.84 13.39 10.08
N THR B 161 20.55 13.50 9.73
CA THR B 161 20.07 14.51 8.79
C THR B 161 20.18 15.91 9.41
N ALA B 162 19.90 16.01 10.71
CA ALA B 162 20.07 17.27 11.44
C ALA B 162 21.53 17.71 11.47
N ILE B 163 22.43 16.74 11.70
CA ILE B 163 23.87 17.00 11.70
C ILE B 163 24.32 17.58 10.38
N GLU B 164 23.79 17.06 9.27
CA GLU B 164 24.05 17.60 7.93
C GLU B 164 23.51 19.03 7.80
N ALA B 165 22.31 19.26 8.33
CA ALA B 165 21.64 20.57 8.29
C ALA B 165 22.41 21.60 9.10
N PHE B 166 22.79 21.19 10.31
CA PHE B 166 23.73 21.97 11.12
C PHE B 166 24.94 22.38 10.29
N ASN B 167 25.62 21.39 9.73
CA ASN B 167 26.81 21.62 8.95
C ASN B 167 26.61 22.61 7.83
N GLU B 168 25.49 22.50 7.12
CA GLU B 168 25.22 23.46 6.05
C GLU B 168 24.88 24.84 6.63
N THR B 169 24.19 24.84 7.78
CA THR B 169 23.92 26.09 8.53
C THR B 169 25.24 26.80 8.83
N ILE B 170 26.17 26.06 9.44
CA ILE B 170 27.49 26.54 9.83
C ILE B 170 28.24 27.15 8.66
N LYS B 171 28.30 26.43 7.55
CA LYS B 171 29.02 26.89 6.36
C LYS B 171 28.52 28.24 5.82
N ILE B 172 27.21 28.47 5.88
CA ILE B 172 26.61 29.76 5.46
C ILE B 172 27.08 30.89 6.38
N PHE B 173 27.23 30.56 7.66
CA PHE B 173 27.72 31.48 8.68
C PHE B 173 29.24 31.70 8.56
N GLU B 174 29.99 30.61 8.34
CA GLU B 174 31.43 30.69 8.11
C GLU B 174 31.63 31.65 6.95
N GLU B 175 30.95 31.34 5.82
CA GLU B 175 30.93 32.23 4.64
C GLU B 175 30.51 33.68 4.96
N GLN B 176 29.60 33.88 5.91
CA GLN B 176 29.14 35.22 6.31
C GLN B 176 30.23 36.05 7.01
N CYS B 177 30.93 35.45 7.97
CA CYS B 177 32.04 36.14 8.64
C CYS B 177 33.21 36.33 7.66
N GLN B 178 33.38 35.38 6.73
CA GLN B 178 34.29 35.55 5.59
C GLN B 178 33.81 36.69 4.69
N THR B 179 32.50 36.75 4.44
CA THR B 179 31.90 37.77 3.55
C THR B 179 32.05 39.20 4.08
N GLN B 180 31.94 39.39 5.40
CA GLN B 180 32.00 40.74 5.95
C GLN B 180 33.42 41.31 5.92
N GLU B 181 34.44 40.46 6.11
CA GLU B 181 35.85 40.88 6.08
C GLU B 181 36.23 41.56 4.75
N ARG B 182 35.85 40.95 3.63
CA ARG B 182 36.14 41.52 2.31
C ARG B 182 35.58 42.94 2.16
N TYR B 183 34.33 43.15 2.56
CA TYR B 183 33.63 44.43 2.37
C TYR B 183 33.77 45.43 3.53
N SER B 184 34.03 44.94 4.75
CA SER B 184 34.27 45.80 5.93
C SER B 184 35.69 46.37 5.95
N LYS B 185 36.68 45.55 5.62
CA LYS B 185 38.09 45.99 5.56
C LYS B 185 38.46 46.71 4.25
N GLU B 186 37.47 46.90 3.36
CA GLU B 186 37.50 47.93 2.34
C GLU B 186 37.19 49.30 2.97
N TYR B 187 36.16 49.33 3.83
CA TYR B 187 35.67 50.56 4.47
C TYR B 187 36.44 50.96 5.75
N ILE B 188 37.37 50.11 6.20
CA ILE B 188 38.34 50.47 7.25
C ILE B 188 39.50 51.30 6.67
N GLU B 189 39.90 51.00 5.43
CA GLU B 189 41.06 51.61 4.77
C GLU B 189 40.71 52.78 3.84
N LYS B 190 39.53 52.75 3.20
CA LYS B 190 38.96 53.97 2.60
C LYS B 190 38.48 54.90 3.73
N PHE B 191 38.52 56.20 3.48
CA PHE B 191 38.02 57.25 4.39
C PHE B 191 38.85 57.43 5.68
N LYS B 192 38.87 56.42 6.55
CA LYS B 192 39.61 56.41 7.83
C LYS B 192 39.24 57.51 8.83
N ARG B 193 39.70 58.74 8.60
CA ARG B 193 39.43 59.88 9.49
C ARG B 193 37.96 60.29 9.44
N GLY B 195 34.38 58.78 9.65
CA GLY B 195 33.81 57.59 10.29
C GLY B 195 34.59 57.23 11.55
N ASN B 196 35.74 56.60 11.35
CA ASN B 196 36.69 56.29 12.43
C ASN B 196 36.05 55.31 13.46
N GLU B 197 36.05 55.60 14.77
CA GLU B 197 35.52 54.66 15.80
C GLU B 197 33.99 54.61 15.93
N LYS B 198 33.28 55.69 15.60
CA LYS B 198 31.80 55.64 15.48
C LYS B 198 31.32 54.73 14.32
N GLU B 199 32.23 54.42 13.39
CA GLU B 199 32.00 53.46 12.32
C GLU B 199 32.48 52.05 12.71
N ILE B 200 33.79 51.91 12.96
CA ILE B 200 34.45 50.59 13.04
C ILE B 200 34.12 49.80 14.30
N GLN B 201 33.95 50.48 15.44
CA GLN B 201 33.59 49.78 16.69
C GLN B 201 32.12 49.31 16.74
N ARG B 202 31.30 49.75 15.78
CA ARG B 202 29.98 49.15 15.51
C ARG B 202 30.10 47.99 14.49
N ILE B 203 31.03 48.12 13.53
CA ILE B 203 31.39 47.03 12.60
C ILE B 203 32.17 45.92 13.32
N MET B 204 32.81 46.27 14.43
CA MET B 204 33.41 45.31 15.35
C MET B 204 32.33 44.53 16.11
N HIS B 205 31.32 45.24 16.61
CA HIS B 205 30.22 44.66 17.41
C HIS B 205 29.43 43.60 16.64
N ASN B 206 29.04 43.96 15.42
CA ASN B 206 28.40 43.03 14.49
C ASN B 206 29.20 41.74 14.33
N TYR B 207 30.48 41.88 14.02
CA TYR B 207 31.40 40.75 13.82
C TYR B 207 31.56 39.90 15.08
N ASP B 208 31.73 40.55 16.23
CA ASP B 208 31.90 39.81 17.50
C ASP B 208 30.73 38.84 17.74
N LYS B 209 29.51 39.28 17.43
CA LYS B 209 28.31 38.42 17.49
C LYS B 209 28.40 37.29 16.46
N LEU B 210 28.73 37.67 15.23
CA LEU B 210 28.86 36.73 14.10
C LEU B 210 29.67 35.45 14.41
N LYS B 211 30.76 35.57 15.16
CA LYS B 211 31.60 34.39 15.51
C LYS B 211 31.17 33.65 16.78
N SER B 212 30.78 34.37 17.83
CA SER B 212 30.33 33.73 19.08
C SER B 212 28.96 33.04 18.91
N ARG B 213 28.22 33.42 17.87
CA ARG B 213 27.07 32.65 17.38
C ARG B 213 27.59 31.34 16.78
N ILE B 214 28.47 31.43 15.77
CA ILE B 214 29.10 30.24 15.18
C ILE B 214 29.61 29.30 16.27
N SER B 215 30.20 29.87 17.33
CA SER B 215 30.62 29.08 18.48
C SER B 215 29.45 28.21 18.92
N GLU B 216 28.31 28.84 19.21
CA GLU B 216 27.09 28.14 19.70
C GLU B 216 26.62 27.04 18.74
N ILE B 217 26.66 27.35 17.44
CA ILE B 217 26.17 26.44 16.42
C ILE B 217 27.02 25.16 16.39
N ILE B 218 28.34 25.30 16.56
CA ILE B 218 29.27 24.16 16.59
C ILE B 218 29.16 23.43 17.93
N ASP B 219 28.93 24.19 18.99
CA ASP B 219 28.62 23.61 20.30
C ASP B 219 27.36 22.75 20.14
N SER B 220 26.34 23.34 19.52
CA SER B 220 25.06 22.67 19.32
C SER B 220 25.17 21.38 18.51
N ARG B 221 26.04 21.40 17.49
CA ARG B 221 26.28 20.23 16.63
C ARG B 221 26.98 19.09 17.38
N ARG B 222 28.04 19.43 18.11
CA ARG B 222 28.76 18.47 18.96
C ARG B 222 27.76 17.79 19.87
N ARG B 223 27.01 18.62 20.60
CA ARG B 223 26.04 18.13 21.58
C ARG B 223 25.04 17.15 20.95
N LEU B 224 24.75 17.33 19.67
CA LEU B 224 23.96 16.36 18.90
C LEU B 224 24.76 15.11 18.59
N GLU B 225 25.98 15.31 18.08
CA GLU B 225 26.86 14.19 17.69
C GLU B 225 27.11 13.17 18.81
N GLU B 226 27.29 13.67 20.03
CA GLU B 226 27.44 12.81 21.19
C GLU B 226 26.18 11.95 21.39
N ASP B 227 25.00 12.54 21.19
CA ASP B 227 23.72 11.83 21.39
C ASP B 227 23.52 10.74 20.36
N LEU B 228 24.05 10.97 19.16
CA LEU B 228 24.05 9.96 18.10
C LEU B 228 24.75 8.69 18.56
N LYS B 229 25.91 8.86 19.20
CA LYS B 229 26.70 7.74 19.73
C LYS B 229 25.93 6.96 20.80
N LYS B 230 25.40 7.67 21.79
CA LYS B 230 24.59 7.08 22.85
C LYS B 230 23.35 6.38 22.32
N GLN B 231 22.72 7.00 21.32
CA GLN B 231 21.63 6.37 20.58
C GLN B 231 22.09 5.15 19.79
N ALA B 232 23.22 5.28 19.10
CA ALA B 232 23.79 4.16 18.34
C ALA B 232 24.14 2.99 19.26
N ALA B 233 24.66 3.32 20.44
CA ALA B 233 24.95 2.34 21.48
C ALA B 233 23.68 1.56 21.86
N GLU B 234 22.64 2.30 22.24
CA GLU B 234 21.34 1.70 22.64
C GLU B 234 20.71 0.85 21.53
N TYR B 235 20.89 1.31 20.30
CA TYR B 235 20.42 0.61 19.09
C TYR B 235 21.03 -0.81 19.03
N ARG B 236 22.35 -0.90 19.20
CA ARG B 236 23.07 -2.19 19.25
C ARG B 236 22.57 -3.09 20.39
N GLU B 237 22.49 -2.51 21.59
CA GLU B 237 21.99 -3.21 22.78
C GLU B 237 20.60 -3.84 22.62
N ILE B 238 19.69 -3.12 21.95
CA ILE B 238 18.34 -3.62 21.68
C ILE B 238 18.44 -4.87 20.79
N ASP B 239 19.17 -4.75 19.68
CA ASP B 239 19.37 -5.84 18.73
C ASP B 239 19.99 -7.05 19.42
N LYS B 240 21.00 -6.77 20.24
CA LYS B 240 21.68 -7.78 21.07
C LYS B 240 20.69 -8.69 21.79
N ARG B 241 19.77 -8.07 22.53
CA ARG B 241 18.76 -8.81 23.30
C ARG B 241 17.66 -9.43 22.43
N MET B 242 17.28 -8.74 21.34
CA MET B 242 16.36 -9.30 20.32
C MET B 242 16.83 -10.71 19.92
N ASN B 243 18.11 -10.80 19.55
CA ASN B 243 18.72 -12.05 19.08
C ASN B 243 18.85 -13.13 20.15
N SER B 244 18.89 -12.74 21.42
CA SER B 244 18.85 -13.69 22.53
C SER B 244 17.44 -14.25 22.73
N ILE B 245 16.45 -13.37 22.73
CA ILE B 245 15.05 -13.74 22.96
C ILE B 245 14.49 -14.62 21.83
N LYS B 246 14.90 -14.33 20.59
CA LYS B 246 14.43 -15.06 19.37
C LYS B 246 14.48 -16.61 19.36
N PRO B 247 15.66 -17.22 19.59
CA PRO B 247 15.80 -18.69 19.53
C PRO B 247 15.02 -19.45 20.61
N ASP B 248 14.93 -18.87 21.80
CA ASP B 248 14.15 -19.43 22.90
C ASP B 248 12.66 -19.27 22.64
N LEU B 249 12.28 -18.13 22.06
CA LEU B 249 10.90 -17.91 21.60
C LEU B 249 10.46 -19.03 20.65
N ILE B 250 11.37 -19.50 19.78
CA ILE B 250 11.08 -20.61 18.86
C ILE B 250 10.92 -21.93 19.62
N GLN B 251 11.81 -22.17 20.59
CA GLN B 251 11.75 -23.40 21.40
C GLN B 251 10.55 -23.46 22.34
N LEU B 252 10.24 -22.32 22.99
CA LEU B 252 9.00 -22.17 23.78
C LEU B 252 7.74 -22.36 22.94
N ARG B 253 7.81 -21.93 21.67
CA ARG B 253 6.72 -22.11 20.71
C ARG B 253 6.64 -23.55 20.21
N LYS B 254 7.79 -24.16 19.94
CA LYS B 254 7.86 -25.52 19.39
C LYS B 254 7.40 -26.61 20.36
N THR B 255 7.69 -26.43 21.64
CA THR B 255 7.21 -27.33 22.69
C THR B 255 5.69 -27.17 22.95
N ARG B 256 5.21 -25.92 22.88
CA ARG B 256 3.76 -25.60 22.97
C ARG B 256 2.93 -26.28 21.86
N ASP B 257 3.50 -26.39 20.66
CA ASP B 257 2.89 -27.16 19.56
C ASP B 257 2.85 -28.65 19.89
N GLN B 258 3.99 -29.18 20.35
CA GLN B 258 4.13 -30.59 20.73
C GLN B 258 3.21 -30.97 21.91
N TYR B 259 3.11 -30.09 22.90
CA TYR B 259 2.20 -30.28 24.05
C TYR B 259 0.71 -30.29 23.70
N LEU B 260 0.31 -29.47 22.72
CA LEU B 260 -1.07 -29.47 22.21
C LEU B 260 -1.32 -30.62 21.22
N MET B 261 -0.28 -31.05 20.51
CA MET B 261 -0.37 -32.18 19.57
C MET B 261 -0.46 -33.57 20.23
N TRP B 262 0.13 -33.72 21.43
CA TRP B 262 0.02 -34.96 22.22
C TRP B 262 -1.38 -35.12 22.83
N LEU B 263 -1.96 -34.03 23.34
CA LEU B 263 -3.35 -34.01 23.86
C LEU B 263 -4.33 -34.46 22.77
N THR B 264 -4.16 -33.91 21.57
CA THR B 264 -4.83 -34.41 20.35
C THR B 264 -3.98 -35.57 19.79
N ASN B 274 -11.38 -23.24 26.09
CA ASN B 274 -9.94 -23.36 26.32
C ASN B 274 -9.41 -22.13 27.09
N GLU B 275 -9.84 -22.05 28.35
CA GLU B 275 -9.40 -21.05 29.35
C GLU B 275 -7.88 -20.83 29.34
N TRP B 276 -7.15 -21.91 29.06
CA TRP B 276 -5.70 -21.92 28.87
C TRP B 276 -5.20 -20.79 27.97
#